data_7CR0
#
_entry.id   7CR0
#
_cell.length_a   1.00
_cell.length_b   1.00
_cell.length_c   1.00
_cell.angle_alpha   90.00
_cell.angle_beta   90.00
_cell.angle_gamma   90.00
#
_symmetry.space_group_name_H-M   'P 1'
#
_entity_poly.entity_id   1
_entity_poly.type   'polypeptide(L)'
_entity_poly.pdbx_seq_one_letter_code
;MAGKPPKRNAFYRKLQNFLYNVLERPRGWAFIYHAYVFLLVFSCLVLSVFSTIKEYEKSSEGALYILEIVTIVVFGVEYF
VRIWAAGCCCRYRGWRGRLKFARKPFCVIDIMVLIASIAVLAAGSQGNVFATSALRSLRFLQILRMIRMDRRGGTWKLLG
SVVYAHSKELVTAWYIGFLCLILASFLVYLAEKGENDHFDTYADALWWGLITLTTIGYGDKYPQTWNGRLLAATFTLIGV
SFFALPAGILGSGFALKVQEQHRQKHFEKRRNPAAGLIQSAWRFYATNLSRTDLHSTWQYYERTVTVPMYSSQTQTYGAS
RLIPPLNQLELLRNLKSKSGLAFRKDPPPEPSPSKGSPCRGPLCGCCPGRSSQKVSLKDRVFSSPRGVAAKGKGSPQAQT
VRRSPSADQSLEDSPSKVPKSWSFGDRSRARQAFRIKGAASRQNSEEASLPGEDIVDDKSCPCEFVTEDLTPGLKVSIRA
VCVMRFLVSKRKFKESLRPYDVMDVIEQYSAGHLDMLSRIKSLQSRVDQIVGRGPAITDKDRTKGPAEAELPEDPSMMGR
LGKVEKQVLSMEKKLDFLVNIYMQRMGIPPTETEAYFGAKEPEPAPPYHSPEDSREHVDRHGCIVKIVRSSSSTGQKNFS
VEGGSSGGWSHPQFEK
;
_entity_poly.pdbx_strand_id   A,B,C,D
#
# COMPACT_ATOMS: atom_id res chain seq x y z
N ARG A 8 -21.83 -46.57 30.78
CA ARG A 8 -20.79 -45.72 31.35
C ARG A 8 -19.66 -45.51 30.34
N ASN A 9 -19.47 -46.50 29.46
CA ASN A 9 -18.50 -46.35 28.38
C ASN A 9 -19.03 -45.48 27.25
N ALA A 10 -20.34 -45.30 27.16
CA ALA A 10 -20.92 -44.53 26.07
C ALA A 10 -20.60 -43.05 26.22
N PHE A 11 -20.92 -42.48 27.38
CA PHE A 11 -20.60 -41.09 27.64
C PHE A 11 -19.10 -40.88 27.69
N TYR A 12 -18.38 -41.92 28.10
CA TYR A 12 -16.92 -41.94 28.06
C TYR A 12 -16.40 -41.65 26.65
N ARG A 13 -16.78 -42.49 25.69
CA ARG A 13 -16.26 -42.33 24.34
C ARG A 13 -16.88 -41.12 23.64
N LYS A 14 -18.10 -40.73 24.01
CA LYS A 14 -18.71 -39.57 23.38
C LYS A 14 -17.95 -38.31 23.74
N LEU A 15 -17.64 -38.12 25.02
CA LEU A 15 -16.88 -36.95 25.42
C LEU A 15 -15.43 -37.07 24.98
N GLN A 16 -14.94 -38.28 24.77
CA GLN A 16 -13.56 -38.44 24.29
C GLN A 16 -13.41 -37.90 22.88
N ASN A 17 -14.37 -38.20 22.00
CA ASN A 17 -14.31 -37.63 20.66
C ASN A 17 -14.66 -36.16 20.66
N PHE A 18 -15.50 -35.71 21.59
CA PHE A 18 -15.79 -34.28 21.68
C PHE A 18 -14.54 -33.50 22.06
N LEU A 19 -13.81 -33.97 23.08
CA LEU A 19 -12.60 -33.28 23.48
C LEU A 19 -11.49 -33.45 22.45
N TYR A 20 -11.49 -34.55 21.72
CA TYR A 20 -10.48 -34.70 20.68
C TYR A 20 -10.74 -33.74 19.54
N ASN A 21 -12.00 -33.43 19.26
CA ASN A 21 -12.31 -32.53 18.17
C ASN A 21 -12.26 -31.06 18.59
N VAL A 22 -12.23 -30.77 19.89
CA VAL A 22 -11.99 -29.40 20.33
C VAL A 22 -10.50 -29.14 20.51
N LEU A 23 -9.71 -30.16 20.83
CA LEU A 23 -8.29 -29.98 21.10
C LEU A 23 -7.44 -30.18 19.84
N GLU A 24 -7.73 -31.20 19.05
CA GLU A 24 -7.20 -31.26 17.70
C GLU A 24 -8.18 -30.52 16.78
N ARG A 25 -8.08 -30.74 15.46
CA ARG A 25 -8.62 -29.82 14.46
C ARG A 25 -10.04 -29.36 14.75
N PRO A 26 -10.21 -28.09 15.13
CA PRO A 26 -11.52 -27.60 15.53
C PRO A 26 -12.22 -26.97 14.31
N ARG A 27 -13.52 -26.74 14.47
CA ARG A 27 -14.30 -26.13 13.39
C ARG A 27 -14.89 -24.78 13.79
N GLY A 28 -15.73 -24.72 14.81
CA GLY A 28 -16.59 -23.58 15.02
C GLY A 28 -16.37 -22.86 16.33
N TRP A 29 -17.25 -23.10 17.30
CA TRP A 29 -17.10 -22.53 18.62
C TRP A 29 -15.97 -23.15 19.44
N ALA A 30 -15.21 -24.09 18.86
CA ALA A 30 -13.98 -24.53 19.50
C ALA A 30 -12.86 -23.51 19.34
N PHE A 31 -12.98 -22.62 18.35
CA PHE A 31 -12.02 -21.53 18.23
C PHE A 31 -12.21 -20.51 19.34
N ILE A 32 -13.34 -20.57 20.04
CA ILE A 32 -13.51 -19.75 21.25
C ILE A 32 -12.47 -20.16 22.29
N TYR A 33 -12.31 -21.47 22.50
CA TYR A 33 -11.33 -21.93 23.46
C TYR A 33 -9.91 -21.66 23.00
N HIS A 34 -9.64 -21.81 21.71
CA HIS A 34 -8.30 -21.51 21.23
C HIS A 34 -8.01 -20.02 21.24
N ALA A 35 -9.04 -19.17 21.14
CA ALA A 35 -8.81 -17.74 21.27
C ALA A 35 -8.53 -17.35 22.72
N TYR A 36 -9.18 -18.00 23.68
CA TYR A 36 -8.92 -17.62 25.06
C TYR A 36 -7.54 -18.09 25.53
N VAL A 37 -7.06 -19.20 25.00
CA VAL A 37 -5.70 -19.60 25.36
C VAL A 37 -4.69 -18.69 24.67
N PHE A 38 -4.99 -18.20 23.48
CA PHE A 38 -4.11 -17.22 22.87
C PHE A 38 -4.14 -15.89 23.62
N LEU A 39 -5.28 -15.54 24.22
CA LEU A 39 -5.31 -14.32 25.01
C LEU A 39 -4.54 -14.46 26.32
N LEU A 40 -4.48 -15.67 26.88
CA LEU A 40 -3.64 -15.85 28.06
C LEU A 40 -2.17 -15.67 27.73
N VAL A 41 -1.71 -16.23 26.60
CA VAL A 41 -0.30 -16.08 26.29
C VAL A 41 0.02 -14.69 25.76
N PHE A 42 -0.96 -13.99 25.21
CA PHE A 42 -0.70 -12.64 24.73
C PHE A 42 -0.70 -11.65 25.89
N SER A 43 -1.60 -11.85 26.85
CA SER A 43 -1.60 -10.98 28.02
C SER A 43 -0.38 -11.21 28.90
N CYS A 44 0.13 -12.43 28.93
CA CYS A 44 1.39 -12.65 29.66
C CYS A 44 2.56 -12.04 28.91
N LEU A 45 2.51 -11.98 27.58
CA LEU A 45 3.61 -11.37 26.85
C LEU A 45 3.61 -9.85 27.05
N VAL A 46 2.44 -9.22 26.99
CA VAL A 46 2.40 -7.78 27.15
C VAL A 46 2.79 -7.40 28.57
N LEU A 47 2.33 -8.17 29.56
CA LEU A 47 2.66 -7.84 30.93
C LEU A 47 4.13 -8.07 31.21
N SER A 48 4.75 -9.02 30.53
CA SER A 48 6.19 -9.19 30.70
C SER A 48 6.97 -8.08 30.02
N VAL A 49 6.40 -7.45 29.01
CA VAL A 49 7.04 -6.28 28.42
C VAL A 49 6.95 -5.10 29.38
N PHE A 50 5.80 -4.95 30.06
CA PHE A 50 5.67 -3.90 31.07
C PHE A 50 6.54 -4.15 32.28
N SER A 51 7.02 -5.38 32.47
CA SER A 51 7.87 -5.67 33.61
C SER A 51 9.32 -5.23 33.43
N THR A 52 9.79 -5.05 32.19
CA THR A 52 11.19 -4.69 32.00
C THR A 52 11.45 -3.21 32.22
N ILE A 53 10.42 -2.37 32.21
CA ILE A 53 10.57 -0.96 32.54
C ILE A 53 10.74 -0.81 34.04
N LYS A 54 11.63 0.09 34.45
CA LYS A 54 12.01 0.13 35.87
C LYS A 54 10.90 0.70 36.73
N GLU A 55 10.11 1.64 36.21
CA GLU A 55 9.11 2.30 37.04
C GLU A 55 7.78 1.55 37.07
N TYR A 56 7.51 0.66 36.12
CA TYR A 56 6.28 -0.11 36.10
C TYR A 56 6.52 -1.55 36.50
N GLU A 57 7.62 -1.82 37.21
CA GLU A 57 8.00 -3.20 37.49
C GLU A 57 7.21 -3.82 38.62
N LYS A 58 6.83 -3.04 39.63
CA LYS A 58 6.19 -3.65 40.80
C LYS A 58 4.78 -4.09 40.48
N SER A 59 3.99 -3.23 39.84
CA SER A 59 2.63 -3.62 39.45
C SER A 59 2.65 -4.77 38.47
N SER A 60 3.57 -4.74 37.51
CA SER A 60 3.57 -5.75 36.45
C SER A 60 3.94 -7.11 37.01
N GLU A 61 5.00 -7.19 37.82
CA GLU A 61 5.38 -8.51 38.31
C GLU A 61 4.43 -8.99 39.40
N GLY A 62 3.77 -8.06 40.10
CA GLY A 62 2.77 -8.46 41.06
C GLY A 62 1.60 -9.18 40.43
N ALA A 63 1.27 -8.85 39.19
CA ALA A 63 0.26 -9.63 38.47
C ALA A 63 0.86 -10.73 37.61
N LEU A 64 2.14 -10.62 37.25
CA LEU A 64 2.75 -11.59 36.36
C LEU A 64 3.00 -12.90 37.07
N TYR A 65 3.12 -12.88 38.40
CA TYR A 65 3.29 -14.12 39.14
C TYR A 65 2.04 -15.00 39.04
N ILE A 66 0.88 -14.44 39.32
CA ILE A 66 -0.34 -15.23 39.29
C ILE A 66 -0.73 -15.56 37.86
N LEU A 67 -0.39 -14.71 36.89
CA LEU A 67 -0.74 -15.03 35.52
C LEU A 67 0.16 -16.12 34.96
N GLU A 68 1.38 -16.23 35.46
CA GLU A 68 2.22 -17.34 35.01
C GLU A 68 1.80 -18.65 35.65
N ILE A 69 1.33 -18.61 36.90
CA ILE A 69 0.82 -19.82 37.52
C ILE A 69 -0.46 -20.27 36.82
N VAL A 70 -1.29 -19.32 36.42
CA VAL A 70 -2.52 -19.67 35.72
C VAL A 70 -2.22 -20.27 34.36
N THR A 71 -1.27 -19.68 33.62
CA THR A 71 -0.95 -20.22 32.31
C THR A 71 -0.29 -21.58 32.41
N ILE A 72 0.50 -21.83 33.46
CA ILE A 72 1.13 -23.14 33.55
C ILE A 72 0.10 -24.19 33.97
N VAL A 73 -0.95 -23.80 34.68
CA VAL A 73 -1.97 -24.78 35.05
C VAL A 73 -2.85 -25.10 33.86
N VAL A 74 -3.27 -24.06 33.13
CA VAL A 74 -4.16 -24.27 31.99
C VAL A 74 -3.48 -25.08 30.91
N PHE A 75 -2.20 -24.80 30.67
CA PHE A 75 -1.45 -25.60 29.70
C PHE A 75 -1.19 -27.01 30.23
N GLY A 76 -1.11 -27.16 31.55
CA GLY A 76 -0.90 -28.50 32.10
C GLY A 76 -2.10 -29.40 31.88
N VAL A 77 -3.30 -28.90 32.16
CA VAL A 77 -4.47 -29.75 31.98
C VAL A 77 -4.78 -29.93 30.50
N GLU A 78 -4.44 -28.96 29.65
CA GLU A 78 -4.72 -29.13 28.24
C GLU A 78 -3.78 -30.17 27.62
N TYR A 79 -2.52 -30.20 28.07
CA TYR A 79 -1.63 -31.25 27.63
C TYR A 79 -2.08 -32.61 28.13
N PHE A 80 -2.46 -32.69 29.40
CA PHE A 80 -2.77 -33.99 29.98
C PHE A 80 -4.04 -34.58 29.37
N VAL A 81 -5.05 -33.76 29.12
CA VAL A 81 -6.24 -34.29 28.47
C VAL A 81 -6.13 -34.32 26.95
N ARG A 82 -5.09 -33.76 26.35
CA ARG A 82 -4.79 -34.13 24.97
C ARG A 82 -4.25 -35.55 24.90
N ILE A 83 -3.43 -35.95 25.87
CA ILE A 83 -2.97 -37.33 25.93
C ILE A 83 -4.13 -38.27 26.25
N TRP A 84 -5.00 -37.86 27.18
CA TRP A 84 -6.13 -38.71 27.55
C TRP A 84 -7.16 -38.80 26.44
N ALA A 85 -7.42 -37.71 25.73
CA ALA A 85 -8.36 -37.75 24.62
C ALA A 85 -7.74 -38.23 23.32
N ALA A 86 -6.44 -38.49 23.29
CA ALA A 86 -5.89 -39.20 22.15
C ALA A 86 -6.29 -40.67 22.15
N GLY A 87 -6.83 -41.18 23.25
CA GLY A 87 -7.41 -42.51 23.27
C GLY A 87 -8.73 -42.62 22.52
N CYS A 88 -9.29 -41.49 22.10
CA CYS A 88 -10.50 -41.53 21.28
C CYS A 88 -10.24 -42.15 19.91
N CYS A 89 -9.26 -41.63 19.19
CA CYS A 89 -9.13 -41.96 17.78
C CYS A 89 -8.80 -43.43 17.59
N CYS A 90 -9.18 -43.95 16.42
CA CYS A 90 -9.20 -45.38 16.18
C CYS A 90 -7.81 -45.99 16.11
N ARG A 91 -6.77 -45.16 15.98
CA ARG A 91 -5.39 -45.63 15.91
C ARG A 91 -4.74 -45.62 17.29
N TYR A 92 -4.74 -44.47 17.96
CA TYR A 92 -4.17 -44.37 19.30
C TYR A 92 -5.21 -44.81 20.32
N ARG A 93 -4.99 -45.96 20.96
CA ARG A 93 -5.83 -46.39 22.07
C ARG A 93 -5.08 -47.39 22.94
N GLY A 94 -5.12 -47.18 24.25
CA GLY A 94 -4.43 -48.04 25.20
C GLY A 94 -3.21 -47.36 25.79
N TRP A 95 -2.55 -48.10 26.69
CA TRP A 95 -1.33 -47.59 27.29
C TRP A 95 -0.23 -47.45 26.25
N ARG A 96 -0.09 -48.45 25.38
CA ARG A 96 0.91 -48.39 24.33
C ARG A 96 0.55 -47.34 23.30
N GLY A 97 -0.74 -47.14 23.04
CA GLY A 97 -1.14 -46.15 22.06
C GLY A 97 -0.95 -44.73 22.56
N ARG A 98 -1.28 -44.47 23.83
CA ARG A 98 -1.04 -43.14 24.38
C ARG A 98 0.44 -42.84 24.48
N LEU A 99 1.25 -43.82 24.86
CA LEU A 99 2.69 -43.59 24.88
C LEU A 99 3.29 -43.59 23.47
N LYS A 100 2.58 -44.17 22.50
CA LYS A 100 2.94 -43.96 21.09
C LYS A 100 2.63 -42.54 20.65
N PHE A 101 1.65 -41.89 21.29
CA PHE A 101 1.46 -40.46 21.06
C PHE A 101 2.49 -39.63 21.81
N ALA A 102 3.08 -40.16 22.88
CA ALA A 102 4.19 -39.48 23.51
C ALA A 102 5.43 -39.47 22.61
N ARG A 103 5.49 -40.39 21.66
CA ARG A 103 6.62 -40.44 20.73
C ARG A 103 6.62 -39.32 19.71
N LYS A 104 5.53 -38.56 19.61
CA LYS A 104 5.49 -37.47 18.65
C LYS A 104 6.45 -36.37 19.05
N PRO A 105 7.26 -35.85 18.14
CA PRO A 105 8.25 -34.83 18.54
C PRO A 105 7.63 -33.51 18.94
N PHE A 106 6.43 -33.19 18.46
CA PHE A 106 5.76 -32.00 18.96
C PHE A 106 5.32 -32.17 20.41
N CYS A 107 4.96 -33.40 20.81
CA CYS A 107 4.59 -33.61 22.21
C CYS A 107 5.79 -33.55 23.14
N VAL A 108 6.98 -33.92 22.67
CA VAL A 108 8.16 -33.73 23.51
C VAL A 108 8.49 -32.25 23.60
N ILE A 109 8.25 -31.50 22.53
CA ILE A 109 8.47 -30.06 22.56
C ILE A 109 7.56 -29.40 23.58
N ASP A 110 6.27 -29.77 23.56
CA ASP A 110 5.33 -29.14 24.47
C ASP A 110 5.59 -29.55 25.91
N ILE A 111 6.00 -30.80 26.14
CA ILE A 111 6.25 -31.21 27.52
C ILE A 111 7.57 -30.65 28.02
N MET A 112 8.52 -30.35 27.11
CA MET A 112 9.76 -29.72 27.53
C MET A 112 9.50 -28.28 27.94
N VAL A 113 8.65 -27.57 27.19
CA VAL A 113 8.31 -26.19 27.54
C VAL A 113 7.59 -26.15 28.88
N LEU A 114 6.67 -27.10 29.10
CA LEU A 114 5.87 -27.07 30.31
C LEU A 114 6.71 -27.35 31.54
N ILE A 115 7.60 -28.35 31.48
CA ILE A 115 8.46 -28.58 32.62
C ILE A 115 9.47 -27.45 32.78
N ALA A 116 9.81 -26.76 31.68
CA ALA A 116 10.76 -25.67 31.79
C ALA A 116 10.13 -24.46 32.46
N SER A 117 8.84 -24.23 32.24
CA SER A 117 8.15 -23.16 32.96
C SER A 117 7.97 -23.50 34.43
N ILE A 118 7.90 -24.78 34.78
CA ILE A 118 8.00 -25.14 36.19
C ILE A 118 9.39 -24.85 36.71
N ALA A 119 10.42 -25.08 35.88
CA ALA A 119 11.79 -24.90 36.34
C ALA A 119 12.13 -23.43 36.53
N VAL A 120 11.58 -22.56 35.67
CA VAL A 120 11.75 -21.13 35.86
C VAL A 120 10.99 -20.67 37.10
N LEU A 121 9.84 -21.30 37.37
CA LEU A 121 9.08 -21.02 38.58
C LEU A 121 9.44 -21.95 39.73
N ALA A 122 10.70 -22.38 39.79
CA ALA A 122 11.18 -23.16 40.92
C ALA A 122 12.46 -22.56 41.48
N SER A 133 18.44 -12.99 35.12
CA SER A 133 17.77 -13.14 33.84
C SER A 133 16.68 -14.21 33.90
N ALA A 134 15.72 -14.02 34.83
CA ALA A 134 14.61 -14.95 34.95
C ALA A 134 13.45 -14.59 34.02
N LEU A 135 13.06 -13.32 34.01
CA LEU A 135 11.90 -12.94 33.21
C LEU A 135 12.19 -12.97 31.73
N ARG A 136 13.45 -12.89 31.33
CA ARG A 136 13.79 -13.00 29.92
C ARG A 136 13.63 -14.43 29.43
N SER A 137 13.99 -15.41 30.28
CA SER A 137 13.75 -16.80 29.93
C SER A 137 12.26 -17.11 29.91
N LEU A 138 11.51 -16.52 30.84
CA LEU A 138 10.06 -16.69 30.80
C LEU A 138 9.46 -16.09 29.54
N ARG A 139 10.04 -14.99 29.06
CA ARG A 139 9.54 -14.36 27.84
C ARG A 139 9.87 -15.20 26.61
N PHE A 140 11.04 -15.84 26.61
CA PHE A 140 11.36 -16.77 25.54
C PHE A 140 10.39 -17.95 25.53
N LEU A 141 9.98 -18.41 26.71
CA LEU A 141 9.08 -19.55 26.77
C LEU A 141 7.67 -19.20 26.32
N GLN A 142 7.24 -17.96 26.53
CA GLN A 142 5.93 -17.59 26.00
C GLN A 142 5.97 -17.39 24.49
N ILE A 143 7.10 -16.93 23.96
CA ILE A 143 7.23 -16.82 22.51
C ILE A 143 7.16 -18.20 21.88
N LEU A 144 7.87 -19.16 22.46
CA LEU A 144 7.85 -20.51 21.90
C LEU A 144 6.50 -21.18 22.07
N ARG A 145 5.70 -20.75 23.05
CA ARG A 145 4.33 -21.26 23.11
C ARG A 145 3.48 -20.69 21.99
N MET A 146 3.78 -19.46 21.55
CA MET A 146 3.03 -18.92 20.42
C MET A 146 3.42 -19.61 19.11
N ILE A 147 4.67 -20.04 18.99
CA ILE A 147 5.04 -20.84 17.82
C ILE A 147 4.42 -22.23 17.92
N ARG A 148 4.30 -22.74 19.14
CA ARG A 148 3.64 -24.01 19.41
C ARG A 148 2.15 -23.99 19.06
N MET A 149 1.56 -22.80 18.92
CA MET A 149 0.12 -22.71 18.67
C MET A 149 -0.31 -23.29 17.33
N ASP A 150 0.59 -23.44 16.37
CA ASP A 150 0.21 -24.02 15.08
C ASP A 150 0.01 -25.53 15.19
N ARG A 151 1.06 -26.25 15.60
CA ARG A 151 1.12 -27.70 15.69
C ARG A 151 1.08 -28.37 14.32
N ARG A 152 0.89 -27.59 13.25
CA ARG A 152 0.88 -28.19 11.92
C ARG A 152 1.57 -27.36 10.85
N GLY A 153 2.02 -26.14 11.15
CA GLY A 153 2.60 -25.30 10.13
C GLY A 153 1.62 -24.89 9.05
N GLY A 154 0.34 -24.71 9.39
CA GLY A 154 -0.63 -24.35 8.37
C GLY A 154 -0.39 -22.96 7.82
N THR A 155 0.11 -22.05 8.65
CA THR A 155 0.43 -20.71 8.18
C THR A 155 1.67 -20.72 7.30
N TRP A 156 2.67 -21.51 7.69
CA TRP A 156 3.88 -21.59 6.89
C TRP A 156 3.63 -22.31 5.58
N LYS A 157 2.76 -23.32 5.58
CA LYS A 157 2.51 -24.06 4.36
C LYS A 157 1.64 -23.27 3.39
N LEU A 158 0.72 -22.46 3.91
CA LEU A 158 -0.08 -21.61 3.05
C LEU A 158 0.78 -20.53 2.41
N LEU A 159 1.66 -19.90 3.20
CA LEU A 159 2.53 -18.87 2.63
C LEU A 159 3.53 -19.48 1.66
N GLY A 160 4.03 -20.68 1.95
CA GLY A 160 5.01 -21.27 1.07
C GLY A 160 4.41 -21.68 -0.27
N SER A 161 3.15 -22.12 -0.27
CA SER A 161 2.53 -22.49 -1.52
C SER A 161 2.26 -21.26 -2.39
N VAL A 162 1.84 -20.17 -1.79
CA VAL A 162 1.53 -19.00 -2.60
C VAL A 162 2.80 -18.28 -3.04
N VAL A 163 3.84 -18.28 -2.21
CA VAL A 163 5.09 -17.66 -2.62
C VAL A 163 5.74 -18.47 -3.73
N TYR A 164 5.69 -19.80 -3.64
CA TYR A 164 6.27 -20.63 -4.69
C TYR A 164 5.49 -20.51 -5.99
N ALA A 165 4.19 -20.26 -5.91
CA ALA A 165 3.40 -20.13 -7.12
C ALA A 165 3.74 -18.86 -7.88
N HIS A 166 4.15 -17.80 -7.18
CA HIS A 166 4.41 -16.51 -7.78
C HIS A 166 5.89 -16.13 -7.76
N SER A 167 6.77 -17.11 -7.90
CA SER A 167 8.18 -16.83 -7.67
C SER A 167 8.79 -15.98 -8.77
N LYS A 168 8.27 -16.06 -9.99
CA LYS A 168 8.85 -15.30 -11.08
C LYS A 168 8.53 -13.81 -10.96
N GLU A 169 7.34 -13.49 -10.45
CA GLU A 169 6.98 -12.08 -10.32
C GLU A 169 7.60 -11.46 -9.08
N LEU A 170 7.76 -12.22 -8.00
CA LEU A 170 8.39 -11.67 -6.82
C LEU A 170 9.87 -11.42 -7.08
N VAL A 171 10.52 -12.31 -7.81
CA VAL A 171 11.92 -12.07 -8.15
C VAL A 171 12.04 -10.89 -9.10
N THR A 172 11.08 -10.73 -10.01
CA THR A 172 11.10 -9.58 -10.91
C THR A 172 10.88 -8.27 -10.15
N ALA A 173 9.96 -8.27 -9.18
CA ALA A 173 9.71 -7.06 -8.41
C ALA A 173 10.92 -6.69 -7.56
N TRP A 174 11.56 -7.68 -6.94
CA TRP A 174 12.70 -7.39 -6.08
C TRP A 174 13.90 -6.96 -6.91
N TYR A 175 14.12 -7.60 -8.05
CA TYR A 175 15.29 -7.31 -8.85
C TYR A 175 15.20 -5.93 -9.48
N ILE A 176 14.03 -5.54 -9.98
CA ILE A 176 13.94 -4.24 -10.60
C ILE A 176 13.87 -3.14 -9.55
N GLY A 177 13.25 -3.40 -8.40
CA GLY A 177 13.27 -2.42 -7.33
C GLY A 177 14.66 -2.23 -6.76
N PHE A 178 15.46 -3.30 -6.73
CA PHE A 178 16.82 -3.20 -6.22
C PHE A 178 17.69 -2.37 -7.17
N LEU A 179 17.53 -2.55 -8.48
CA LEU A 179 18.33 -1.75 -9.40
C LEU A 179 17.88 -0.30 -9.40
N CYS A 180 16.60 -0.04 -9.16
CA CYS A 180 16.15 1.33 -9.04
C CYS A 180 16.66 1.98 -7.76
N LEU A 181 16.77 1.19 -6.69
CA LEU A 181 17.33 1.71 -5.44
C LEU A 181 18.77 2.13 -5.60
N ILE A 182 19.57 1.30 -6.28
CA ILE A 182 20.98 1.63 -6.43
C ILE A 182 21.17 2.82 -7.36
N LEU A 183 20.34 2.92 -8.41
CA LEU A 183 20.48 4.06 -9.30
C LEU A 183 20.03 5.35 -8.64
N ALA A 184 18.95 5.30 -7.88
CA ALA A 184 18.46 6.51 -7.23
C ALA A 184 19.44 6.96 -6.15
N SER A 185 20.00 6.02 -5.39
CA SER A 185 20.91 6.39 -4.33
C SER A 185 22.21 6.94 -4.89
N PHE A 186 22.67 6.42 -6.02
CA PHE A 186 23.90 6.94 -6.59
C PHE A 186 23.70 8.33 -7.17
N LEU A 187 22.56 8.56 -7.82
CA LEU A 187 22.36 9.87 -8.44
C LEU A 187 22.14 10.94 -7.39
N VAL A 188 21.45 10.60 -6.29
CA VAL A 188 21.22 11.58 -5.24
C VAL A 188 22.53 11.86 -4.51
N TYR A 189 23.34 10.82 -4.29
CA TYR A 189 24.63 11.04 -3.63
C TYR A 189 25.52 11.94 -4.46
N LEU A 190 25.55 11.72 -5.77
CA LEU A 190 26.34 12.60 -6.63
C LEU A 190 25.84 14.03 -6.55
N ALA A 191 24.52 14.21 -6.41
CA ALA A 191 23.98 15.56 -6.38
C ALA A 191 24.24 16.27 -5.06
N GLU A 192 24.37 15.53 -3.96
CA GLU A 192 24.36 16.11 -2.63
C GLU A 192 25.50 15.57 -1.78
N LYS A 193 26.71 15.56 -2.33
CA LYS A 193 27.85 15.17 -1.52
C LYS A 193 28.40 16.35 -0.74
N GLY A 194 28.51 17.52 -1.37
CA GLY A 194 29.10 18.67 -0.72
C GLY A 194 28.15 19.50 0.11
N GLU A 195 26.95 19.75 -0.43
CA GLU A 195 26.03 20.72 0.12
C GLU A 195 25.12 20.15 1.20
N ASN A 196 25.45 18.99 1.75
CA ASN A 196 24.55 18.34 2.70
C ASN A 196 25.34 17.38 3.58
N ASP A 197 25.23 17.56 4.89
CA ASP A 197 25.86 16.64 5.82
C ASP A 197 25.08 15.37 6.02
N HIS A 198 23.85 15.29 5.48
CA HIS A 198 23.11 14.05 5.51
C HIS A 198 23.80 12.99 4.67
N PHE A 199 24.18 13.34 3.45
CA PHE A 199 24.72 12.39 2.49
C PHE A 199 26.24 12.56 2.48
N ASP A 200 26.88 11.94 3.47
CA ASP A 200 28.32 12.07 3.62
C ASP A 200 29.08 10.99 2.86
N THR A 201 28.62 9.74 2.94
CA THR A 201 29.24 8.64 2.24
C THR A 201 28.21 7.99 1.33
N TYR A 202 28.62 6.93 0.63
CA TYR A 202 27.66 6.20 -0.20
C TYR A 202 26.64 5.47 0.67
N ALA A 203 27.09 4.92 1.79
CA ALA A 203 26.20 4.11 2.62
C ALA A 203 25.08 4.95 3.21
N ASP A 204 25.30 6.25 3.39
CA ASP A 204 24.22 7.11 3.83
C ASP A 204 23.21 7.35 2.73
N ALA A 205 23.66 7.37 1.47
CA ALA A 205 22.72 7.49 0.38
C ALA A 205 21.91 6.22 0.22
N LEU A 206 22.53 5.06 0.47
CA LEU A 206 21.80 3.81 0.39
C LEU A 206 20.78 3.68 1.51
N TRP A 207 21.09 4.19 2.70
CA TRP A 207 20.11 4.15 3.77
C TRP A 207 18.97 5.12 3.52
N TRP A 208 19.26 6.27 2.89
CA TRP A 208 18.19 7.18 2.54
C TRP A 208 17.27 6.56 1.49
N GLY A 209 17.85 5.87 0.51
CA GLY A 209 17.02 5.30 -0.54
C GLY A 209 16.17 4.16 -0.04
N LEU A 210 16.71 3.35 0.87
CA LEU A 210 15.95 2.23 1.38
C LEU A 210 14.79 2.70 2.25
N ILE A 211 15.00 3.77 3.02
CA ILE A 211 13.93 4.27 3.87
C ILE A 211 12.89 5.06 3.07
N THR A 212 13.28 5.69 1.97
CA THR A 212 12.30 6.40 1.16
C THR A 212 11.49 5.48 0.28
N LEU A 213 12.13 4.50 -0.36
CA LEU A 213 11.44 3.71 -1.37
C LEU A 213 10.49 2.70 -0.77
N THR A 214 10.61 2.41 0.53
CA THR A 214 9.59 1.67 1.24
C THR A 214 8.53 2.58 1.82
N THR A 215 8.60 3.88 1.51
CA THR A 215 7.71 4.91 2.04
C THR A 215 7.65 4.91 3.56
N ILE A 216 8.76 4.59 4.22
CA ILE A 216 8.85 4.84 5.65
C ILE A 216 9.02 6.33 5.90
N GLY A 217 10.13 6.89 5.45
CA GLY A 217 10.36 8.30 5.58
C GLY A 217 10.55 8.71 7.03
N TYR A 218 11.67 8.31 7.61
CA TYR A 218 11.96 8.69 8.99
C TYR A 218 12.13 10.19 9.10
N GLY A 219 12.84 10.78 8.15
CA GLY A 219 13.07 12.20 8.09
C GLY A 219 14.46 12.61 8.52
N ASP A 220 15.31 11.66 8.92
CA ASP A 220 16.65 12.01 9.34
C ASP A 220 17.52 12.41 8.16
N LYS A 221 17.29 11.82 6.99
CA LYS A 221 17.97 12.22 5.77
C LYS A 221 16.93 12.54 4.70
N TYR A 222 17.03 13.74 4.14
CA TYR A 222 16.20 14.16 3.04
C TYR A 222 17.04 15.08 2.15
N PRO A 223 16.84 15.05 0.84
CA PRO A 223 17.65 15.91 -0.02
C PRO A 223 17.25 17.36 0.08
N GLN A 224 18.25 18.24 0.14
CA GLN A 224 18.01 19.65 0.44
C GLN A 224 18.49 20.59 -0.66
N THR A 225 19.03 20.06 -1.76
CA THR A 225 19.41 20.88 -2.90
C THR A 225 18.27 20.87 -3.91
N TRP A 226 18.50 21.50 -5.06
CA TRP A 226 17.56 21.35 -6.15
C TRP A 226 17.87 20.13 -7.00
N ASN A 227 19.15 19.75 -7.06
CA ASN A 227 19.55 18.58 -7.83
C ASN A 227 18.99 17.31 -7.21
N GLY A 228 19.13 17.17 -5.89
CA GLY A 228 18.64 15.98 -5.24
C GLY A 228 17.14 15.87 -5.27
N ARG A 229 16.44 17.00 -5.19
CA ARG A 229 14.99 16.96 -5.24
C ARG A 229 14.48 16.69 -6.64
N LEU A 230 15.20 17.15 -7.66
CA LEU A 230 14.78 16.88 -9.02
C LEU A 230 14.99 15.41 -9.38
N LEU A 231 16.08 14.81 -8.92
CA LEU A 231 16.32 13.40 -9.21
C LEU A 231 15.42 12.50 -8.37
N ALA A 232 15.24 12.84 -7.09
CA ALA A 232 14.42 12.00 -6.24
C ALA A 232 12.94 12.11 -6.59
N ALA A 233 12.52 13.18 -7.27
CA ALA A 233 11.12 13.27 -7.64
C ALA A 233 10.74 12.23 -8.67
N THR A 234 11.61 11.98 -9.65
CA THR A 234 11.34 10.94 -10.63
C THR A 234 11.46 9.56 -10.00
N PHE A 235 12.56 9.32 -9.28
CA PHE A 235 12.81 7.96 -8.83
C PHE A 235 11.89 7.55 -7.68
N THR A 236 11.26 8.50 -6.99
CA THR A 236 10.33 8.08 -5.95
C THR A 236 9.05 7.55 -6.55
N LEU A 237 8.62 8.12 -7.68
CA LEU A 237 7.36 7.69 -8.30
C LEU A 237 7.51 6.33 -8.93
N ILE A 238 8.71 6.01 -9.44
CA ILE A 238 8.94 4.69 -10.00
C ILE A 238 9.20 3.68 -8.89
N GLY A 239 10.02 4.05 -7.91
CA GLY A 239 10.54 3.06 -6.99
C GLY A 239 9.55 2.62 -5.95
N VAL A 240 8.67 3.52 -5.49
CA VAL A 240 7.76 3.08 -4.45
C VAL A 240 6.72 2.14 -5.01
N SER A 241 6.47 2.22 -6.33
CA SER A 241 5.60 1.24 -6.97
C SER A 241 6.28 -0.12 -7.02
N PHE A 242 7.57 -0.14 -7.35
CA PHE A 242 8.26 -1.42 -7.42
C PHE A 242 8.44 -2.05 -6.05
N PHE A 243 8.38 -1.27 -4.98
CA PHE A 243 8.49 -1.86 -3.65
C PHE A 243 7.14 -2.20 -3.04
N ALA A 244 6.07 -1.56 -3.49
CA ALA A 244 4.73 -1.95 -3.07
C ALA A 244 4.15 -3.07 -3.91
N LEU A 245 4.90 -3.55 -4.91
CA LEU A 245 4.39 -4.63 -5.76
C LEU A 245 4.17 -5.94 -5.01
N PRO A 246 5.17 -6.52 -4.34
CA PRO A 246 4.99 -7.90 -3.86
C PRO A 246 3.94 -8.07 -2.78
N ALA A 247 3.54 -6.99 -2.10
CA ALA A 247 2.38 -7.11 -1.22
C ALA A 247 1.10 -7.18 -2.04
N GLY A 248 1.06 -6.53 -3.20
CA GLY A 248 -0.10 -6.63 -4.05
C GLY A 248 -0.16 -7.97 -4.77
N ILE A 249 0.99 -8.49 -5.17
CA ILE A 249 1.04 -9.76 -5.86
C ILE A 249 0.63 -10.89 -4.94
N LEU A 250 1.16 -10.92 -3.72
CA LEU A 250 0.76 -11.99 -2.81
C LEU A 250 -0.66 -11.76 -2.28
N GLY A 251 -1.12 -10.52 -2.22
CA GLY A 251 -2.48 -10.29 -1.76
C GLY A 251 -3.51 -10.80 -2.74
N SER A 252 -3.30 -10.53 -4.03
CA SER A 252 -4.23 -11.08 -5.02
C SER A 252 -4.01 -12.56 -5.25
N GLY A 253 -2.82 -13.08 -4.95
CA GLY A 253 -2.64 -14.52 -5.00
C GLY A 253 -3.44 -15.24 -3.94
N PHE A 254 -3.47 -14.69 -2.73
CA PHE A 254 -4.28 -15.28 -1.67
C PHE A 254 -5.76 -15.20 -1.99
N ALA A 255 -6.21 -14.09 -2.57
CA ALA A 255 -7.63 -13.94 -2.82
C ALA A 255 -8.09 -14.82 -3.97
N LEU A 256 -7.27 -14.97 -5.01
CA LEU A 256 -7.63 -15.85 -6.12
C LEU A 256 -7.63 -17.30 -5.67
N LYS A 257 -6.69 -17.69 -4.81
CA LYS A 257 -6.64 -19.05 -4.33
C LYS A 257 -7.86 -19.39 -3.48
N VAL A 258 -8.31 -18.45 -2.65
CA VAL A 258 -9.44 -18.79 -1.79
C VAL A 258 -10.74 -18.73 -2.57
N GLN A 259 -10.77 -18.00 -3.68
CA GLN A 259 -11.99 -17.98 -4.47
C GLN A 259 -12.17 -19.29 -5.21
N GLU A 260 -11.07 -19.84 -5.77
CA GLU A 260 -11.21 -21.11 -6.47
C GLU A 260 -11.45 -22.25 -5.49
N GLN A 261 -10.96 -22.13 -4.26
CA GLN A 261 -11.30 -23.17 -3.29
C GLN A 261 -12.77 -23.10 -2.88
N HIS A 262 -13.37 -21.91 -2.92
CA HIS A 262 -14.80 -21.84 -2.65
C HIS A 262 -15.60 -22.47 -3.77
N ARG A 263 -15.18 -22.29 -5.02
CA ARG A 263 -15.89 -22.91 -6.12
C ARG A 263 -15.67 -24.42 -6.15
N GLN A 264 -14.47 -24.88 -5.82
CA GLN A 264 -14.19 -26.31 -5.75
C GLN A 264 -14.67 -26.94 -4.46
N LYS A 265 -15.26 -26.17 -3.56
CA LYS A 265 -16.07 -26.72 -2.48
C LYS A 265 -17.56 -26.74 -2.83
N HIS A 266 -18.03 -25.77 -3.61
CA HIS A 266 -19.45 -25.76 -3.99
C HIS A 266 -19.79 -26.81 -5.04
N PHE A 267 -18.81 -27.42 -5.69
CA PHE A 267 -19.06 -28.61 -6.47
C PHE A 267 -19.12 -29.84 -5.56
N GLU A 268 -18.02 -30.14 -4.90
CA GLU A 268 -17.97 -31.28 -3.99
C GLU A 268 -18.29 -30.86 -2.56
N ARG B 8 -58.64 11.61 -4.37
CA ARG B 8 -57.83 12.24 -3.33
C ARG B 8 -56.98 11.19 -2.61
N ASN B 9 -57.47 9.96 -2.56
CA ASN B 9 -56.69 8.86 -2.00
C ASN B 9 -55.62 8.37 -2.97
N ALA B 10 -55.77 8.66 -4.27
CA ALA B 10 -54.83 8.17 -5.26
C ALA B 10 -53.49 8.87 -5.12
N PHE B 11 -53.50 10.20 -5.14
CA PHE B 11 -52.27 10.96 -4.97
C PHE B 11 -51.71 10.76 -3.56
N TYR B 12 -52.61 10.51 -2.61
CA TYR B 12 -52.23 10.15 -1.25
C TYR B 12 -51.31 8.92 -1.23
N ARG B 13 -51.79 7.80 -1.77
CA ARG B 13 -51.01 6.58 -1.72
C ARG B 13 -49.83 6.62 -2.69
N LYS B 14 -49.95 7.39 -3.78
CA LYS B 14 -48.83 7.47 -4.72
C LYS B 14 -47.64 8.16 -4.07
N LEU B 15 -47.89 9.30 -3.41
CA LEU B 15 -46.79 9.99 -2.74
C LEU B 15 -46.36 9.22 -1.50
N GLN B 16 -47.23 8.40 -0.91
CA GLN B 16 -46.84 7.62 0.24
C GLN B 16 -45.78 6.59 -0.12
N ASN B 17 -45.97 5.90 -1.26
CA ASN B 17 -44.95 4.96 -1.70
C ASN B 17 -43.73 5.67 -2.24
N PHE B 18 -43.89 6.87 -2.80
CA PHE B 18 -42.73 7.63 -3.25
C PHE B 18 -41.86 8.02 -2.07
N LEU B 19 -42.46 8.55 -1.00
CA LEU B 19 -41.68 8.92 0.16
C LEU B 19 -41.17 7.71 0.91
N TYR B 20 -41.88 6.59 0.85
CA TYR B 20 -41.35 5.40 1.50
C TYR B 20 -40.14 4.87 0.76
N ASN B 21 -40.09 5.04 -0.56
CA ASN B 21 -38.95 4.54 -1.31
C ASN B 21 -37.79 5.53 -1.35
N VAL B 22 -38.02 6.79 -0.96
CA VAL B 22 -36.90 7.71 -0.79
C VAL B 22 -36.34 7.65 0.63
N LEU B 23 -37.17 7.32 1.61
CA LEU B 23 -36.75 7.31 3.02
C LEU B 23 -36.23 5.94 3.45
N GLU B 24 -36.92 4.87 3.08
CA GLU B 24 -36.33 3.55 3.16
C GLU B 24 -35.57 3.28 1.86
N ARG B 25 -35.26 2.01 1.57
CA ARG B 25 -34.20 1.66 0.62
C ARG B 25 -34.26 2.43 -0.69
N PRO B 26 -33.32 3.34 -0.92
CA PRO B 26 -33.37 4.19 -2.10
C PRO B 26 -32.54 3.56 -3.22
N ARG B 27 -32.73 4.08 -4.42
CA ARG B 27 -31.98 3.58 -5.58
C ARG B 27 -31.08 4.63 -6.20
N GLY B 28 -31.62 5.75 -6.68
CA GLY B 28 -30.91 6.61 -7.59
C GLY B 28 -30.71 8.02 -7.08
N TRP B 29 -31.51 8.95 -7.57
CA TRP B 29 -31.46 10.33 -7.11
C TRP B 29 -32.03 10.52 -5.70
N ALA B 30 -32.45 9.45 -5.03
CA ALA B 30 -32.76 9.54 -3.62
C ALA B 30 -31.50 9.59 -2.76
N PHE B 31 -30.37 9.13 -3.30
CA PHE B 31 -29.11 9.29 -2.59
C PHE B 31 -28.66 10.74 -2.58
N ILE B 32 -29.27 11.58 -3.42
CA ILE B 32 -29.04 13.03 -3.32
C ILE B 32 -29.53 13.53 -1.96
N TYR B 33 -30.73 13.11 -1.55
CA TYR B 33 -31.25 13.54 -0.26
C TYR B 33 -30.47 12.94 0.88
N HIS B 34 -30.04 11.68 0.75
CA HIS B 34 -29.26 11.09 1.83
C HIS B 34 -27.86 11.68 1.90
N ALA B 35 -27.33 12.19 0.77
CA ALA B 35 -26.05 12.87 0.82
C ALA B 35 -26.17 14.24 1.48
N TYR B 36 -27.28 14.95 1.26
CA TYR B 36 -27.39 16.27 1.88
C TYR B 36 -27.62 16.16 3.38
N VAL B 37 -28.29 15.11 3.84
CA VAL B 37 -28.43 14.95 5.28
C VAL B 37 -27.10 14.52 5.89
N PHE B 38 -26.30 13.75 5.17
CA PHE B 38 -24.97 13.46 5.66
C PHE B 38 -24.07 14.68 5.68
N LEU B 39 -24.28 15.62 4.75
CA LEU B 39 -23.50 16.84 4.78
C LEU B 39 -23.92 17.75 5.92
N LEU B 40 -25.18 17.71 6.34
CA LEU B 40 -25.58 18.48 7.51
C LEU B 40 -24.91 17.94 8.77
N VAL B 41 -24.87 16.61 8.93
CA VAL B 41 -24.25 16.09 10.15
C VAL B 41 -22.73 16.16 10.08
N PHE B 42 -22.15 16.19 8.89
CA PHE B 42 -20.70 16.31 8.79
C PHE B 42 -20.26 17.74 9.01
N SER B 43 -21.03 18.70 8.49
CA SER B 43 -20.70 20.10 8.72
C SER B 43 -20.91 20.49 10.18
N CYS B 44 -21.88 19.88 10.85
CA CYS B 44 -22.02 20.14 12.28
C CYS B 44 -20.90 19.49 13.06
N LEU B 45 -20.36 18.36 12.59
CA LEU B 45 -19.25 17.75 13.31
C LEU B 45 -17.98 18.58 13.17
N VAL B 46 -17.69 19.06 11.96
CA VAL B 46 -16.48 19.83 11.75
C VAL B 46 -16.58 21.16 12.50
N LEU B 47 -17.75 21.78 12.50
CA LEU B 47 -17.88 23.05 13.18
C LEU B 47 -17.82 22.87 14.69
N SER B 48 -18.25 21.72 15.20
CA SER B 48 -18.09 21.49 16.62
C SER B 48 -16.65 21.20 16.99
N VAL B 49 -15.85 20.71 16.05
CA VAL B 49 -14.42 20.57 16.30
C VAL B 49 -13.76 21.93 16.34
N PHE B 50 -14.18 22.84 15.45
CA PHE B 50 -13.66 24.21 15.49
C PHE B 50 -14.11 24.97 16.72
N SER B 51 -15.15 24.49 17.41
CA SER B 51 -15.62 25.18 18.60
C SER B 51 -14.78 24.89 19.85
N THR B 52 -14.04 23.78 19.88
CA THR B 52 -13.28 23.45 21.08
C THR B 52 -11.97 24.23 21.19
N ILE B 53 -11.49 24.81 20.10
CA ILE B 53 -10.32 25.68 20.14
C ILE B 53 -10.71 27.02 20.74
N LYS B 54 -9.83 27.57 21.57
CA LYS B 54 -10.23 28.74 22.36
C LYS B 54 -10.34 29.98 21.50
N GLU B 55 -9.51 30.11 20.47
CA GLU B 55 -9.49 31.35 19.69
C GLU B 55 -10.51 31.34 18.56
N TYR B 56 -11.01 30.18 18.14
CA TYR B 56 -12.01 30.11 17.08
C TYR B 56 -13.38 29.78 17.63
N GLU B 57 -13.60 30.04 18.93
CA GLU B 57 -14.84 29.61 19.57
C GLU B 57 -16.02 30.50 19.27
N LYS B 58 -15.81 31.80 19.10
CA LYS B 58 -16.94 32.71 18.96
C LYS B 58 -17.58 32.56 17.58
N SER B 59 -16.78 32.54 16.53
CA SER B 59 -17.33 32.33 15.19
C SER B 59 -17.99 30.97 15.06
N SER B 60 -17.36 29.94 15.63
CA SER B 60 -17.86 28.58 15.45
C SER B 60 -19.19 28.40 16.16
N GLU B 61 -19.29 28.84 17.42
CA GLU B 61 -20.55 28.61 18.11
C GLU B 61 -21.63 29.56 17.63
N GLY B 62 -21.23 30.73 17.10
CA GLY B 62 -22.21 31.62 16.50
C GLY B 62 -22.91 31.01 15.31
N ALA B 63 -22.24 30.14 14.57
CA ALA B 63 -22.93 29.41 13.52
C ALA B 63 -23.43 28.04 13.97
N LEU B 64 -22.86 27.49 15.04
CA LEU B 64 -23.24 26.16 15.48
C LEU B 64 -24.61 26.16 16.13
N TYR B 65 -25.06 27.30 16.64
CA TYR B 65 -26.39 27.38 17.21
C TYR B 65 -27.46 27.19 16.13
N ILE B 66 -27.37 27.94 15.03
CA ILE B 66 -28.38 27.83 14.00
C ILE B 66 -28.24 26.52 13.24
N LEU B 67 -27.03 25.97 13.14
CA LEU B 67 -26.89 24.71 12.43
C LEU B 67 -27.42 23.55 13.26
N GLU B 68 -27.39 23.67 14.58
CA GLU B 68 -27.99 22.61 15.39
C GLU B 68 -29.51 22.70 15.38
N ILE B 69 -30.06 23.91 15.32
CA ILE B 69 -31.50 24.04 15.20
C ILE B 69 -31.97 23.51 13.85
N VAL B 70 -31.19 23.76 12.80
CA VAL B 70 -31.56 23.28 11.48
C VAL B 70 -31.50 21.75 11.43
N THR B 71 -30.46 21.16 12.01
CA THR B 71 -30.36 19.71 11.98
C THR B 71 -31.44 19.05 12.82
N ILE B 72 -31.84 19.69 13.93
CA ILE B 72 -32.89 19.07 14.74
C ILE B 72 -34.24 19.21 14.05
N VAL B 73 -34.44 20.23 13.22
CA VAL B 73 -35.71 20.36 12.53
C VAL B 73 -35.78 19.38 11.37
N VAL B 74 -34.69 19.27 10.61
CA VAL B 74 -34.68 18.39 9.44
C VAL B 74 -34.82 16.94 9.87
N PHE B 75 -34.14 16.56 10.96
CA PHE B 75 -34.30 15.20 11.47
C PHE B 75 -35.69 15.01 12.09
N GLY B 76 -36.30 16.08 12.58
CA GLY B 76 -37.64 15.93 13.14
C GLY B 76 -38.67 15.62 12.08
N VAL B 77 -38.64 16.34 10.97
CA VAL B 77 -39.63 16.08 9.93
C VAL B 77 -39.32 14.78 9.20
N GLU B 78 -38.05 14.38 9.13
CA GLU B 78 -37.74 13.13 8.45
C GLU B 78 -38.19 11.93 9.29
N TYR B 79 -38.06 12.03 10.61
CA TYR B 79 -38.60 10.99 11.47
C TYR B 79 -40.12 10.94 11.39
N PHE B 80 -40.76 12.10 11.44
CA PHE B 80 -42.22 12.12 11.51
C PHE B 80 -42.84 11.61 10.22
N VAL B 81 -42.28 11.97 9.07
CA VAL B 81 -42.81 11.44 7.82
C VAL B 81 -42.25 10.07 7.46
N ARG B 82 -41.25 9.56 8.18
CA ARG B 82 -40.99 8.13 8.09
C ARG B 82 -42.08 7.33 8.77
N ILE B 83 -42.59 7.83 9.91
CA ILE B 83 -43.72 7.18 10.56
C ILE B 83 -44.98 7.32 9.69
N TRP B 84 -45.19 8.49 9.11
CA TRP B 84 -46.38 8.70 8.28
C TRP B 84 -46.31 7.92 6.98
N ALA B 85 -45.14 7.82 6.36
CA ALA B 85 -45.00 7.06 5.13
C ALA B 85 -44.78 5.57 5.39
N ALA B 86 -44.67 5.14 6.64
CA ALA B 86 -44.73 3.72 6.91
C ALA B 86 -46.14 3.17 6.74
N GLY B 87 -47.15 4.03 6.65
CA GLY B 87 -48.49 3.60 6.29
C GLY B 87 -48.65 3.18 4.84
N CYS B 88 -47.63 3.43 4.01
CA CYS B 88 -47.67 2.97 2.63
C CYS B 88 -47.63 1.45 2.55
N CYS B 89 -46.65 0.82 3.17
CA CYS B 89 -46.38 -0.58 2.90
C CYS B 89 -47.54 -1.45 3.36
N CYS B 90 -47.65 -2.62 2.72
CA CYS B 90 -48.85 -3.44 2.83
C CYS B 90 -49.00 -4.07 4.20
N ARG B 91 -47.95 -4.06 5.02
CA ARG B 91 -47.98 -4.62 6.36
C ARG B 91 -48.32 -3.57 7.40
N TYR B 92 -47.56 -2.48 7.44
CA TYR B 92 -47.81 -1.39 8.38
C TYR B 92 -48.86 -0.46 7.78
N ARG B 93 -50.07 -0.45 8.35
CA ARG B 93 -51.08 0.52 7.96
C ARG B 93 -52.10 0.69 9.08
N GLY B 94 -52.42 1.93 9.42
CA GLY B 94 -53.36 2.23 10.48
C GLY B 94 -52.66 2.78 11.71
N TRP B 95 -53.49 3.09 12.72
CA TRP B 95 -52.95 3.57 13.98
C TRP B 95 -52.15 2.48 14.67
N ARG B 96 -52.68 1.25 14.68
CA ARG B 96 -51.97 0.14 15.29
C ARG B 96 -50.74 -0.23 14.47
N GLY B 97 -50.80 -0.08 13.15
CA GLY B 97 -49.66 -0.42 12.33
C GLY B 97 -48.53 0.58 12.46
N ARG B 98 -48.86 1.88 12.52
CA ARG B 98 -47.82 2.88 12.72
C ARG B 98 -47.20 2.77 14.09
N LEU B 99 -48.01 2.50 15.12
CA LEU B 99 -47.44 2.30 16.44
C LEU B 99 -46.76 0.94 16.57
N LYS B 100 -47.09 -0.01 15.68
CA LYS B 100 -46.29 -1.22 15.55
C LYS B 100 -44.93 -0.93 14.92
N PHE B 101 -44.85 0.13 14.11
CA PHE B 101 -43.54 0.59 13.66
C PHE B 101 -42.81 1.37 14.74
N ALA B 102 -43.54 1.95 15.70
CA ALA B 102 -42.88 2.55 16.84
C ALA B 102 -42.22 1.49 17.73
N ARG B 103 -42.66 0.25 17.62
CA ARG B 103 -42.08 -0.84 18.41
C ARG B 103 -40.69 -1.25 17.93
N LYS B 104 -40.25 -0.76 16.76
CA LYS B 104 -38.94 -1.12 16.27
C LYS B 104 -37.86 -0.50 17.14
N PRO B 105 -36.84 -1.26 17.55
CA PRO B 105 -35.83 -0.69 18.46
C PRO B 105 -34.96 0.37 17.81
N PHE B 106 -34.81 0.35 16.49
CA PHE B 106 -34.12 1.46 15.84
C PHE B 106 -34.92 2.75 15.90
N CYS B 107 -36.26 2.64 15.86
CA CYS B 107 -37.07 3.86 15.98
C CYS B 107 -37.05 4.43 17.38
N VAL B 108 -36.89 3.59 18.41
CA VAL B 108 -36.74 4.15 19.75
C VAL B 108 -35.37 4.79 19.88
N ILE B 109 -34.36 4.24 19.21
CA ILE B 109 -33.03 4.84 19.23
C ILE B 109 -33.06 6.22 18.59
N ASP B 110 -33.71 6.33 17.43
CA ASP B 110 -33.74 7.61 16.73
C ASP B 110 -34.58 8.63 17.48
N ILE B 111 -35.67 8.20 18.12
CA ILE B 111 -36.49 9.17 18.84
C ILE B 111 -35.83 9.56 20.16
N MET B 112 -34.99 8.68 20.72
CA MET B 112 -34.26 9.05 21.93
C MET B 112 -33.20 10.08 21.60
N VAL B 113 -32.50 9.93 20.47
CA VAL B 113 -31.50 10.90 20.07
C VAL B 113 -32.15 12.25 19.79
N LEU B 114 -33.32 12.23 19.14
CA LEU B 114 -33.95 13.49 18.75
C LEU B 114 -34.44 14.26 19.96
N ILE B 115 -35.07 13.57 20.92
CA ILE B 115 -35.49 14.28 22.12
C ILE B 115 -34.28 14.68 22.95
N ALA B 116 -33.16 13.94 22.83
CA ALA B 116 -31.99 14.30 23.61
C ALA B 116 -31.33 15.55 23.05
N SER B 117 -31.38 15.74 21.74
CA SER B 117 -30.87 16.98 21.16
C SER B 117 -31.77 18.16 21.50
N ILE B 118 -33.06 17.93 21.71
CA ILE B 118 -33.88 18.99 22.29
C ILE B 118 -33.46 19.26 23.73
N ALA B 119 -33.09 18.21 24.47
CA ALA B 119 -32.75 18.38 25.87
C ALA B 119 -31.42 19.11 26.03
N VAL B 120 -30.46 18.85 25.14
CA VAL B 120 -29.22 19.60 25.15
C VAL B 120 -29.48 21.05 24.75
N LEU B 121 -30.43 21.27 23.85
CA LEU B 121 -30.83 22.61 23.47
C LEU B 121 -32.00 23.14 24.29
N ALA B 122 -32.08 22.73 25.56
CA ALA B 122 -33.08 23.27 26.47
C ALA B 122 -32.42 23.73 27.76
N SER B 133 -19.97 20.99 30.05
CA SER B 133 -19.79 19.95 29.04
C SER B 133 -21.05 19.79 28.19
N ALA B 134 -21.48 20.89 27.55
CA ALA B 134 -22.64 20.84 26.68
C ALA B 134 -22.27 20.44 25.25
N LEU B 135 -21.23 21.06 24.69
CA LEU B 135 -20.90 20.79 23.30
C LEU B 135 -20.29 19.41 23.12
N ARG B 136 -19.74 18.83 24.18
CA ARG B 136 -19.23 17.47 24.07
C ARG B 136 -20.36 16.46 23.98
N SER B 137 -21.45 16.70 24.72
CA SER B 137 -22.63 15.85 24.58
C SER B 137 -23.28 16.03 23.22
N LEU B 138 -23.29 17.26 22.71
CA LEU B 138 -23.81 17.47 21.37
C LEU B 138 -22.95 16.76 20.33
N ARG B 139 -21.64 16.69 20.56
CA ARG B 139 -20.76 16.01 19.62
C ARG B 139 -20.97 14.50 19.68
N PHE B 140 -21.23 13.96 20.87
CA PHE B 140 -21.58 12.55 20.97
C PHE B 140 -22.86 12.25 20.23
N LEU B 141 -23.83 13.17 20.27
CA LEU B 141 -25.11 12.94 19.61
C LEU B 141 -24.98 12.99 18.10
N GLN B 142 -24.07 13.81 17.57
CA GLN B 142 -23.88 13.80 16.13
C GLN B 142 -23.12 12.56 15.67
N ILE B 143 -22.22 12.04 16.50
CA ILE B 143 -21.55 10.79 16.15
C ILE B 143 -22.55 9.66 16.09
N LEU B 144 -23.45 9.60 17.07
CA LEU B 144 -24.44 8.53 17.07
C LEU B 144 -25.45 8.69 15.95
N ARG B 145 -25.65 9.91 15.45
CA ARG B 145 -26.47 10.05 14.25
C ARG B 145 -25.76 9.50 13.03
N MET B 146 -24.43 9.58 13.00
CA MET B 146 -23.71 8.99 11.86
C MET B 146 -23.74 7.47 11.93
N ILE B 147 -23.75 6.89 13.12
CA ILE B 147 -23.93 5.44 13.22
C ILE B 147 -25.36 5.07 12.87
N ARG B 148 -26.31 5.94 13.21
CA ARG B 148 -27.71 5.78 12.85
C ARG B 148 -27.95 5.81 11.34
N MET B 149 -27.00 6.33 10.57
CA MET B 149 -27.19 6.47 9.12
C MET B 149 -27.31 5.14 8.39
N ASP B 150 -26.85 4.04 8.96
CA ASP B 150 -26.99 2.75 8.29
C ASP B 150 -28.42 2.24 8.35
N ARG B 151 -28.94 2.05 9.57
CA ARG B 151 -30.25 1.49 9.85
C ARG B 151 -30.34 0.01 9.49
N ARG B 152 -29.30 -0.55 8.87
CA ARG B 152 -29.34 -1.97 8.53
C ARG B 152 -28.02 -2.69 8.73
N GLY B 153 -26.93 -2.01 9.08
CA GLY B 153 -25.65 -2.66 9.18
C GLY B 153 -25.13 -3.21 7.87
N GLY B 154 -25.43 -2.55 6.75
CA GLY B 154 -24.98 -3.07 5.47
C GLY B 154 -23.48 -3.01 5.33
N THR B 155 -22.84 -2.00 5.92
CA THR B 155 -21.39 -1.90 5.88
C THR B 155 -20.75 -2.95 6.79
N TRP B 156 -21.34 -3.18 7.96
CA TRP B 156 -20.80 -4.17 8.86
C TRP B 156 -21.02 -5.58 8.33
N LYS B 157 -22.14 -5.82 7.64
CA LYS B 157 -22.41 -7.15 7.14
C LYS B 157 -21.56 -7.46 5.91
N LEU B 158 -21.28 -6.45 5.09
CA LEU B 158 -20.40 -6.66 3.95
C LEU B 158 -18.98 -6.95 4.41
N LEU B 159 -18.49 -6.18 5.39
CA LEU B 159 -17.14 -6.42 5.89
C LEU B 159 -17.06 -7.75 6.61
N GLY B 160 -18.10 -8.13 7.34
CA GLY B 160 -18.05 -9.38 8.07
C GLY B 160 -18.06 -10.58 7.16
N SER B 161 -18.78 -10.50 6.04
CA SER B 161 -18.80 -11.62 5.11
C SER B 161 -17.45 -11.79 4.42
N VAL B 162 -16.81 -10.69 4.04
CA VAL B 162 -15.55 -10.82 3.34
C VAL B 162 -14.41 -11.18 4.30
N VAL B 163 -14.46 -10.69 5.53
CA VAL B 163 -13.43 -11.05 6.49
C VAL B 163 -13.56 -12.52 6.88
N TYR B 164 -14.80 -13.00 7.05
CA TYR B 164 -14.99 -14.41 7.39
C TYR B 164 -14.59 -15.32 6.24
N ALA B 165 -14.74 -14.85 5.00
CA ALA B 165 -14.37 -15.68 3.86
C ALA B 165 -12.87 -15.87 3.77
N HIS B 166 -12.08 -14.90 4.22
CA HIS B 166 -10.64 -14.92 4.09
C HIS B 166 -9.93 -15.07 5.43
N SER B 167 -10.52 -15.81 6.37
CA SER B 167 -10.00 -15.80 7.73
C SER B 167 -8.67 -16.52 7.84
N LYS B 168 -8.42 -17.51 6.98
CA LYS B 168 -7.18 -18.26 7.08
C LYS B 168 -5.98 -17.44 6.60
N GLU B 169 -6.19 -16.59 5.59
CA GLU B 169 -5.08 -15.79 5.09
C GLU B 169 -4.84 -14.58 5.97
N LEU B 170 -5.88 -14.00 6.56
CA LEU B 170 -5.67 -12.87 7.44
C LEU B 170 -4.96 -13.31 8.72
N VAL B 171 -5.31 -14.49 9.23
CA VAL B 171 -4.61 -14.99 10.41
C VAL B 171 -3.17 -15.33 10.06
N THR B 172 -2.94 -15.85 8.85
CA THR B 172 -1.57 -16.14 8.43
C THR B 172 -0.75 -14.86 8.27
N ALA B 173 -1.35 -13.81 7.71
CA ALA B 173 -0.63 -12.55 7.54
C ALA B 173 -0.30 -11.93 8.89
N TRP B 174 -1.25 -11.95 9.82
CA TRP B 174 -1.02 -11.32 11.11
C TRP B 174 -0.02 -12.13 11.93
N TYR B 175 -0.10 -13.46 11.87
CA TYR B 175 0.76 -14.28 12.69
C TYR B 175 2.20 -14.22 12.21
N ILE B 176 2.43 -14.23 10.90
CA ILE B 176 3.80 -14.19 10.44
C ILE B 176 4.37 -12.78 10.53
N GLY B 177 3.54 -11.75 10.34
CA GLY B 177 4.02 -10.40 10.56
C GLY B 177 4.33 -10.12 12.01
N PHE B 178 3.58 -10.73 12.92
CA PHE B 178 3.83 -10.55 14.35
C PHE B 178 5.15 -11.21 14.75
N LEU B 179 5.44 -12.40 14.22
CA LEU B 179 6.70 -13.04 14.58
C LEU B 179 7.87 -12.31 13.95
N CYS B 180 7.69 -11.71 12.78
CA CYS B 180 8.75 -10.91 12.20
C CYS B 180 8.98 -9.62 12.98
N LEU B 181 7.91 -9.06 13.53
CA LEU B 181 8.04 -7.86 14.37
C LEU B 181 8.85 -8.14 15.62
N ILE B 182 8.57 -9.26 16.28
CA ILE B 182 9.29 -9.56 17.51
C ILE B 182 10.74 -9.91 17.22
N LEU B 183 11.01 -10.60 16.11
CA LEU B 183 12.39 -10.92 15.81
C LEU B 183 13.18 -9.68 15.40
N ALA B 184 12.57 -8.80 14.62
CA ALA B 184 13.28 -7.60 14.20
C ALA B 184 13.52 -6.67 15.37
N SER B 185 12.55 -6.54 16.27
CA SER B 185 12.72 -5.66 17.41
C SER B 185 13.75 -6.20 18.38
N PHE B 186 13.83 -7.51 18.53
CA PHE B 186 14.83 -8.06 19.44
C PHE B 186 16.23 -7.92 18.88
N LEU B 187 16.38 -8.14 17.58
CA LEU B 187 17.73 -8.07 17.00
C LEU B 187 18.23 -6.64 16.97
N VAL B 188 17.34 -5.67 16.71
CA VAL B 188 17.76 -4.28 16.68
C VAL B 188 18.07 -3.81 18.10
N TYR B 189 17.27 -4.24 19.08
CA TYR B 189 17.55 -3.86 20.46
C TYR B 189 18.90 -4.39 20.91
N LEU B 190 19.20 -5.64 20.57
CA LEU B 190 20.51 -6.19 20.91
C LEU B 190 21.62 -5.39 20.27
N ALA B 191 21.39 -4.89 19.05
CA ALA B 191 22.44 -4.16 18.36
C ALA B 191 22.64 -2.77 18.91
N GLU B 192 21.61 -2.15 19.47
CA GLU B 192 21.62 -0.73 19.80
C GLU B 192 21.12 -0.48 21.20
N LYS B 193 21.63 -1.24 22.17
CA LYS B 193 21.27 -0.95 23.55
C LYS B 193 22.17 0.13 24.14
N GLY B 194 23.48 0.05 23.88
CA GLY B 194 24.41 0.99 24.47
C GLY B 194 24.59 2.28 23.71
N GLU B 195 24.70 2.19 22.39
CA GLU B 195 25.13 3.29 21.56
C GLU B 195 23.98 4.19 21.11
N ASN B 196 22.82 4.10 21.76
CA ASN B 196 21.66 4.84 21.30
C ASN B 196 20.68 5.02 22.45
N ASP B 197 20.32 6.27 22.72
CA ASP B 197 19.32 6.55 23.74
C ASP B 197 17.91 6.34 23.25
N HIS B 198 17.72 6.11 21.94
CA HIS B 198 16.42 5.76 21.42
C HIS B 198 15.96 4.42 21.97
N PHE B 199 16.83 3.42 21.90
CA PHE B 199 16.49 2.05 22.25
C PHE B 199 17.03 1.78 23.64
N ASP B 200 16.27 2.24 24.65
CA ASP B 200 16.71 2.10 26.03
C ASP B 200 16.22 0.80 26.65
N THR B 201 14.97 0.43 26.43
CA THR B 201 14.41 -0.80 26.95
C THR B 201 13.90 -1.64 25.79
N TYR B 202 13.33 -2.80 26.12
CA TYR B 202 12.74 -3.63 25.06
C TYR B 202 11.50 -2.96 24.48
N ALA B 203 10.71 -2.32 25.32
CA ALA B 203 9.45 -1.75 24.86
C ALA B 203 9.68 -0.62 23.87
N ASP B 204 10.83 0.05 23.95
CA ASP B 204 11.15 1.05 22.94
C ASP B 204 11.52 0.42 21.61
N ALA B 205 12.13 -0.77 21.65
CA ALA B 205 12.40 -1.46 20.41
C ALA B 205 11.11 -1.98 19.78
N LEU B 206 10.15 -2.39 20.60
CA LEU B 206 8.87 -2.85 20.07
C LEU B 206 8.08 -1.70 19.47
N TRP B 207 8.17 -0.51 20.06
CA TRP B 207 7.48 0.63 19.48
C TRP B 207 8.14 1.08 18.19
N TRP B 208 9.48 0.96 18.11
CA TRP B 208 10.14 1.29 16.86
C TRP B 208 9.75 0.31 15.77
N GLY B 209 9.65 -0.97 16.10
CA GLY B 209 9.33 -1.96 15.08
C GLY B 209 7.90 -1.82 14.60
N LEU B 210 6.97 -1.50 15.50
CA LEU B 210 5.58 -1.37 15.10
C LEU B 210 5.39 -0.15 14.22
N ILE B 211 6.10 0.94 14.50
CA ILE B 211 5.95 2.14 13.69
C ILE B 211 6.68 2.01 12.35
N THR B 212 7.75 1.24 12.29
CA THR B 212 8.44 1.05 11.01
C THR B 212 7.74 0.06 10.10
N LEU B 213 7.28 -1.06 10.65
CA LEU B 213 6.77 -2.13 9.80
C LEU B 213 5.40 -1.83 9.24
N THR B 214 4.69 -0.85 9.80
CA THR B 214 3.50 -0.32 9.16
C THR B 214 3.82 0.82 8.21
N THR B 215 5.11 1.09 8.00
CA THR B 215 5.60 2.20 7.18
C THR B 215 5.02 3.54 7.59
N ILE B 216 4.77 3.73 8.88
CA ILE B 216 4.47 5.07 9.37
C ILE B 216 5.75 5.89 9.40
N GLY B 217 6.71 5.49 10.23
CA GLY B 217 7.98 6.17 10.28
C GLY B 217 7.85 7.57 10.84
N TYR B 218 7.56 7.66 12.14
CA TYR B 218 7.45 8.96 12.78
C TYR B 218 8.79 9.66 12.75
N GLY B 219 9.86 8.93 13.06
CA GLY B 219 11.21 9.45 13.05
C GLY B 219 11.77 9.69 14.43
N ASP B 220 10.99 9.44 15.49
CA ASP B 220 11.50 9.67 16.83
C ASP B 220 12.52 8.61 17.23
N LYS B 221 12.37 7.39 16.72
CA LYS B 221 13.36 6.34 16.94
C LYS B 221 13.77 5.78 15.59
N TYR B 222 15.08 5.78 15.34
CA TYR B 222 15.66 5.18 14.15
C TYR B 222 17.02 4.62 14.54
N PRO B 223 17.44 3.51 13.95
CA PRO B 223 18.73 2.94 14.32
C PRO B 223 19.88 3.75 13.76
N GLN B 224 20.90 3.97 14.59
CA GLN B 224 21.98 4.88 14.27
C GLN B 224 23.35 4.22 14.24
N THR B 225 23.44 2.92 14.49
CA THR B 225 24.69 2.19 14.38
C THR B 225 24.77 1.55 13.00
N TRP B 226 25.82 0.77 12.76
CA TRP B 226 25.85 -0.03 11.56
C TRP B 226 25.16 -1.38 11.77
N ASN B 227 25.18 -1.88 13.01
CA ASN B 227 24.53 -3.15 13.31
C ASN B 227 23.02 -3.03 13.16
N GLY B 228 22.44 -1.97 13.71
CA GLY B 228 21.00 -1.80 13.63
C GLY B 228 20.54 -1.54 12.22
N ARG B 229 21.33 -0.83 11.42
CA ARG B 229 20.94 -0.57 10.05
C ARG B 229 21.09 -1.79 9.18
N LEU B 230 22.07 -2.65 9.48
CA LEU B 230 22.23 -3.87 8.70
C LEU B 230 21.11 -4.86 8.99
N LEU B 231 20.69 -4.96 10.25
CA LEU B 231 19.60 -5.87 10.58
C LEU B 231 18.25 -5.33 10.13
N ALA B 232 18.03 -4.02 10.30
CA ALA B 232 16.75 -3.47 9.92
C ALA B 232 16.59 -3.39 8.40
N ALA B 233 17.69 -3.44 7.65
CA ALA B 233 17.55 -3.41 6.20
C ALA B 233 16.91 -4.68 5.68
N THR B 234 17.29 -5.83 6.23
CA THR B 234 16.66 -7.08 5.82
C THR B 234 15.22 -7.15 6.32
N PHE B 235 15.02 -6.87 7.60
CA PHE B 235 13.71 -7.11 8.18
C PHE B 235 12.67 -6.09 7.73
N THR B 236 13.10 -4.93 7.22
CA THR B 236 12.09 -4.00 6.73
C THR B 236 11.51 -4.47 5.41
N LEU B 237 12.33 -5.12 4.57
CA LEU B 237 11.86 -5.56 3.26
C LEU B 237 10.92 -6.73 3.40
N ILE B 238 11.14 -7.58 4.41
CA ILE B 238 10.24 -8.69 4.64
C ILE B 238 8.98 -8.22 5.37
N GLY B 239 9.16 -7.38 6.40
CA GLY B 239 8.07 -7.12 7.32
C GLY B 239 7.03 -6.18 6.76
N VAL B 240 7.43 -5.20 5.95
CA VAL B 240 6.42 -4.27 5.48
C VAL B 240 5.52 -4.94 4.46
N SER B 241 6.01 -6.00 3.81
CA SER B 241 5.16 -6.80 2.94
C SER B 241 4.15 -7.58 3.75
N PHE B 242 4.58 -8.16 4.87
CA PHE B 242 3.65 -8.93 5.68
C PHE B 242 2.62 -8.06 6.37
N PHE B 243 2.90 -6.76 6.52
CA PHE B 243 1.91 -5.87 7.12
C PHE B 243 1.03 -5.19 6.09
N ALA B 244 1.48 -5.07 4.85
CA ALA B 244 0.64 -4.57 3.78
C ALA B 244 -0.19 -5.67 3.13
N LEU B 245 -0.06 -6.91 3.60
CA LEU B 245 -0.82 -8.01 3.01
C LEU B 245 -2.33 -7.88 3.23
N PRO B 246 -2.84 -7.77 4.46
CA PRO B 246 -4.30 -7.90 4.63
C PRO B 246 -5.12 -6.79 4.00
N ALA B 247 -4.52 -5.64 3.68
CA ALA B 247 -5.25 -4.67 2.88
C ALA B 247 -5.34 -5.13 1.43
N GLY B 248 -4.34 -5.85 0.94
CA GLY B 248 -4.41 -6.38 -0.40
C GLY B 248 -5.35 -7.57 -0.49
N ILE B 249 -5.37 -8.41 0.55
CA ILE B 249 -6.22 -9.57 0.55
C ILE B 249 -7.68 -9.17 0.61
N LEU B 250 -8.03 -8.23 1.50
CA LEU B 250 -9.42 -7.80 1.55
C LEU B 250 -9.79 -6.93 0.36
N GLY B 251 -8.82 -6.24 -0.24
CA GLY B 251 -9.14 -5.44 -1.41
C GLY B 251 -9.50 -6.29 -2.60
N SER B 252 -8.72 -7.35 -2.85
CA SER B 252 -9.07 -8.24 -3.95
C SER B 252 -10.25 -9.13 -3.60
N GLY B 253 -10.52 -9.36 -2.32
CA GLY B 253 -11.74 -10.07 -1.95
C GLY B 253 -12.98 -9.27 -2.28
N PHE B 254 -12.96 -7.97 -2.01
CA PHE B 254 -14.09 -7.12 -2.36
C PHE B 254 -14.28 -7.03 -3.86
N ALA B 255 -13.18 -6.96 -4.62
CA ALA B 255 -13.32 -6.80 -6.06
C ALA B 255 -13.80 -8.09 -6.72
N LEU B 256 -13.33 -9.24 -6.25
CA LEU B 256 -13.79 -10.50 -6.81
C LEU B 256 -15.25 -10.75 -6.46
N LYS B 257 -15.67 -10.37 -5.25
CA LYS B 257 -17.06 -10.55 -4.87
C LYS B 257 -17.99 -9.69 -5.70
N VAL B 258 -17.59 -8.45 -5.99
CA VAL B 258 -18.50 -7.60 -6.75
C VAL B 258 -18.49 -7.96 -8.22
N GLN B 259 -17.43 -8.61 -8.70
CA GLN B 259 -17.43 -9.02 -10.09
C GLN B 259 -18.37 -10.20 -10.30
N GLU B 260 -18.36 -11.16 -9.37
CA GLU B 260 -19.26 -12.29 -9.52
C GLU B 260 -20.70 -11.88 -9.29
N GLN B 261 -20.94 -10.86 -8.47
CA GLN B 261 -22.32 -10.39 -8.34
C GLN B 261 -22.79 -9.68 -9.60
N HIS B 262 -21.87 -9.06 -10.34
CA HIS B 262 -22.27 -8.47 -11.62
C HIS B 262 -22.63 -9.55 -12.62
N ARG B 263 -21.89 -10.66 -12.64
CA ARG B 263 -22.21 -11.74 -13.57
C ARG B 263 -23.48 -12.46 -13.15
N GLN B 264 -23.71 -12.64 -11.85
CA GLN B 264 -24.93 -13.25 -11.37
C GLN B 264 -26.11 -12.29 -11.33
N LYS B 265 -25.91 -11.04 -11.71
CA LYS B 265 -27.01 -10.16 -12.07
C LYS B 265 -27.28 -10.14 -13.57
N HIS B 266 -26.25 -10.30 -14.39
CA HIS B 266 -26.47 -10.31 -15.84
C HIS B 266 -27.10 -11.61 -16.34
N PHE B 267 -27.14 -12.66 -15.52
CA PHE B 267 -27.98 -13.80 -15.84
C PHE B 267 -29.42 -13.52 -15.44
N GLU B 268 -29.66 -13.32 -14.15
CA GLU B 268 -31.00 -13.03 -13.66
C GLU B 268 -31.24 -11.52 -13.59
N ARG C 8 -3.18 14.21 -58.14
CA ARG C 8 -2.80 15.21 -57.15
C ARG C 8 -3.78 15.19 -55.97
N ASN C 9 -5.02 14.81 -56.25
CA ASN C 9 -6.01 14.65 -55.18
C ASN C 9 -5.80 13.36 -54.41
N ALA C 10 -5.10 12.39 -54.99
CA ALA C 10 -4.92 11.10 -54.34
C ALA C 10 -4.00 11.23 -53.14
N PHE C 11 -2.82 11.79 -53.35
CA PHE C 11 -1.88 11.99 -52.24
C PHE C 11 -2.45 13.01 -51.26
N TYR C 12 -3.26 13.93 -51.77
CA TYR C 12 -4.00 14.88 -50.94
C TYR C 12 -4.85 14.16 -49.90
N ARG C 13 -5.78 13.32 -50.36
CA ARG C 13 -6.68 12.66 -49.44
C ARG C 13 -5.97 11.56 -48.63
N LYS C 14 -4.91 10.97 -49.18
CA LYS C 14 -4.20 9.94 -48.44
C LYS C 14 -3.52 10.54 -47.22
N LEU C 15 -2.81 11.66 -47.41
CA LEU C 15 -2.17 12.30 -46.27
C LEU C 15 -3.20 12.96 -45.37
N GLN C 16 -4.38 13.31 -45.89
CA GLN C 16 -5.41 13.90 -45.05
C GLN C 16 -5.92 12.89 -44.03
N ASN C 17 -6.16 11.65 -44.46
CA ASN C 17 -6.56 10.63 -43.49
C ASN C 17 -5.41 10.20 -42.61
N PHE C 18 -4.17 10.26 -43.12
CA PHE C 18 -3.03 9.94 -42.27
C PHE C 18 -2.90 10.94 -41.14
N LEU C 19 -2.98 12.24 -41.46
CA LEU C 19 -2.88 13.24 -40.42
C LEU C 19 -4.11 13.26 -39.53
N TYR C 20 -5.27 12.88 -40.05
CA TYR C 20 -6.44 12.81 -39.19
C TYR C 20 -6.32 11.67 -38.20
N ASN C 21 -5.66 10.58 -38.58
CA ASN C 21 -5.53 9.46 -37.68
C ASN C 21 -4.33 9.60 -36.74
N VAL C 22 -3.42 10.53 -37.01
CA VAL C 22 -2.37 10.83 -36.04
C VAL C 22 -2.81 11.92 -35.07
N LEU C 23 -3.69 12.82 -35.49
CA LEU C 23 -4.12 13.95 -34.66
C LEU C 23 -5.36 13.62 -33.85
N GLU C 24 -6.36 12.99 -34.46
CA GLU C 24 -7.41 12.36 -33.68
C GLU C 24 -6.97 10.93 -33.34
N ARG C 25 -7.91 10.07 -32.95
CA ARG C 25 -7.59 8.85 -32.21
C ARG C 25 -6.43 8.05 -32.77
N PRO C 26 -5.29 8.03 -32.09
CA PRO C 26 -4.11 7.38 -32.62
C PRO C 26 -4.03 5.94 -32.10
N ARG C 27 -3.16 5.16 -32.72
CA ARG C 27 -2.99 3.77 -32.30
C ARG C 27 -1.58 3.48 -31.81
N GLY C 28 -0.55 3.66 -32.62
CA GLY C 28 0.75 3.08 -32.35
C GLY C 28 1.86 4.09 -32.21
N TRP C 29 2.67 4.25 -33.25
CA TRP C 29 3.73 5.24 -33.26
C TRP C 29 3.23 6.67 -33.38
N ALA C 30 1.91 6.88 -33.41
CA ALA C 30 1.38 8.23 -33.28
C ALA C 30 1.43 8.72 -31.84
N PHE C 31 1.52 7.80 -30.88
CA PHE C 31 1.72 8.21 -29.50
C PHE C 31 3.12 8.75 -29.28
N ILE C 32 4.03 8.52 -30.23
CA ILE C 32 5.34 9.18 -30.19
C ILE C 32 5.15 10.69 -30.30
N TYR C 33 4.32 11.13 -31.24
CA TYR C 33 4.07 12.55 -31.40
C TYR C 33 3.31 13.12 -30.22
N HIS C 34 2.35 12.37 -29.68
CA HIS C 34 1.63 12.88 -28.52
C HIS C 34 2.49 12.89 -27.27
N ALA C 35 3.50 12.00 -27.20
CA ALA C 35 4.42 12.06 -26.07
C ALA C 35 5.36 13.26 -26.18
N TYR C 36 5.79 13.62 -27.39
CA TYR C 36 6.70 14.75 -27.49
C TYR C 36 5.99 16.07 -27.23
N VAL C 37 4.70 16.16 -27.57
CA VAL C 37 3.99 17.38 -27.23
C VAL C 37 3.72 17.43 -25.73
N PHE C 38 3.51 16.29 -25.09
CA PHE C 38 3.41 16.31 -23.64
C PHE C 38 4.72 16.65 -22.97
N LEU C 39 5.85 16.29 -23.59
CA LEU C 39 7.13 16.67 -23.02
C LEU C 39 7.41 18.17 -23.19
N LEU C 40 6.88 18.78 -24.24
CA LEU C 40 7.03 20.23 -24.36
C LEU C 40 6.25 20.95 -23.27
N VAL C 41 5.02 20.50 -22.99
CA VAL C 41 4.26 21.21 -21.96
C VAL C 41 4.73 20.84 -20.56
N PHE C 42 5.36 19.68 -20.39
CA PHE C 42 5.87 19.33 -19.07
C PHE C 42 7.18 20.04 -18.80
N SER C 43 8.03 20.17 -19.81
CA SER C 43 9.28 20.90 -19.63
C SER C 43 9.03 22.39 -19.44
N CYS C 44 7.98 22.93 -20.06
CA CYS C 44 7.64 24.33 -19.78
C CYS C 44 7.06 24.48 -18.39
N LEU C 45 6.37 23.46 -17.87
CA LEU C 45 5.84 23.58 -16.52
C LEU C 45 6.96 23.53 -15.48
N VAL C 46 7.91 22.62 -15.66
CA VAL C 46 8.99 22.51 -14.69
C VAL C 46 9.87 23.75 -14.74
N LEU C 47 10.12 24.28 -15.94
CA LEU C 47 10.96 25.46 -16.03
C LEU C 47 10.25 26.68 -15.48
N SER C 48 8.93 26.72 -15.56
CA SER C 48 8.23 27.84 -14.94
C SER C 48 8.20 27.71 -13.42
N VAL C 49 8.33 26.50 -12.89
CA VAL C 49 8.47 26.34 -11.46
C VAL C 49 9.84 26.82 -11.01
N PHE C 50 10.88 26.53 -11.81
CA PHE C 50 12.22 27.03 -11.50
C PHE C 50 12.32 28.54 -11.66
N SER C 51 11.36 29.17 -12.35
CA SER C 51 11.40 30.61 -12.53
C SER C 51 10.90 31.39 -11.31
N THR C 52 10.09 30.77 -10.44
CA THR C 52 9.55 31.51 -9.31
C THR C 52 10.53 31.65 -8.16
N ILE C 53 11.59 30.84 -8.13
CA ILE C 53 12.64 30.99 -7.14
C ILE C 53 13.52 32.18 -7.51
N LYS C 54 13.92 32.96 -6.51
CA LYS C 54 14.56 34.24 -6.80
C LYS C 54 15.97 34.05 -7.34
N GLU C 55 16.68 33.02 -6.91
CA GLU C 55 18.07 32.87 -7.30
C GLU C 55 18.23 32.10 -8.61
N TYR C 56 17.23 31.35 -9.05
CA TYR C 56 17.30 30.61 -10.30
C TYR C 56 16.45 31.26 -11.38
N GLU C 57 16.14 32.55 -11.22
CA GLU C 57 15.19 33.20 -12.12
C GLU C 57 15.79 33.58 -13.46
N LYS C 58 17.07 33.96 -13.49
CA LYS C 58 17.64 34.47 -14.74
C LYS C 58 17.84 33.35 -15.74
N SER C 59 18.44 32.24 -15.30
CA SER C 59 18.61 31.10 -16.21
C SER C 59 17.28 30.55 -16.67
N SER C 60 16.31 30.46 -15.76
CA SER C 60 15.04 29.82 -16.09
C SER C 60 14.27 30.66 -17.10
N GLU C 61 14.16 31.98 -16.86
CA GLU C 61 13.37 32.76 -17.80
C GLU C 61 14.12 32.99 -19.10
N GLY C 62 15.46 32.94 -19.06
CA GLY C 62 16.22 33.02 -20.29
C GLY C 62 15.95 31.87 -21.24
N ALA C 63 15.63 30.70 -20.71
CA ALA C 63 15.19 29.61 -21.57
C ALA C 63 13.67 29.53 -21.71
N LEU C 64 12.93 30.10 -20.77
CA LEU C 64 11.48 30.00 -20.80
C LEU C 64 10.88 30.86 -21.89
N TYR C 65 11.59 31.91 -22.31
CA TYR C 65 11.10 32.73 -23.40
C TYR C 65 11.06 31.95 -24.71
N ILE C 66 12.16 31.29 -25.07
CA ILE C 66 12.19 30.56 -26.33
C ILE C 66 11.35 29.30 -26.24
N LEU C 67 11.21 28.71 -25.05
CA LEU C 67 10.39 27.52 -24.96
C LEU C 67 8.91 27.85 -25.04
N GLU C 68 8.53 29.05 -24.62
CA GLU C 68 7.13 29.43 -24.78
C GLU C 68 6.82 29.80 -26.23
N ILE C 69 7.77 30.39 -26.94
CA ILE C 69 7.57 30.67 -28.35
C ILE C 69 7.48 29.36 -29.13
N VAL C 70 8.29 28.38 -28.76
CA VAL C 70 8.27 27.10 -29.44
C VAL C 70 6.94 26.38 -29.19
N THR C 71 6.46 26.40 -27.94
CA THR C 71 5.21 25.72 -27.65
C THR C 71 4.03 26.42 -28.32
N ILE C 72 4.08 27.75 -28.44
CA ILE C 72 2.96 28.42 -29.08
C ILE C 72 2.98 28.18 -30.59
N VAL C 73 4.15 27.94 -31.18
CA VAL C 73 4.20 27.67 -32.61
C VAL C 73 3.75 26.25 -32.89
N VAL C 74 4.22 25.30 -32.08
CA VAL C 74 3.87 23.89 -32.31
C VAL C 74 2.39 23.67 -32.10
N PHE C 75 1.82 24.31 -31.08
CA PHE C 75 0.37 24.21 -30.88
C PHE C 75 -0.39 24.97 -31.96
N GLY C 76 0.22 26.00 -32.53
CA GLY C 76 -0.47 26.72 -33.60
C GLY C 76 -0.62 25.89 -34.85
N VAL C 77 0.45 25.22 -35.27
CA VAL C 77 0.35 24.42 -36.48
C VAL C 77 -0.45 23.15 -36.23
N GLU C 78 -0.45 22.63 -35.00
CA GLU C 78 -1.23 21.43 -34.75
C GLU C 78 -2.73 21.75 -34.74
N TYR C 79 -3.10 22.92 -34.22
CA TYR C 79 -4.49 23.34 -34.31
C TYR C 79 -4.89 23.59 -35.76
N PHE C 80 -4.05 24.27 -36.52
CA PHE C 80 -4.44 24.66 -37.87
C PHE C 80 -4.57 23.45 -38.78
N VAL C 81 -3.66 22.48 -38.65
CA VAL C 81 -3.81 21.28 -39.47
C VAL C 81 -4.75 20.25 -38.85
N ARG C 82 -5.22 20.44 -37.62
CA ARG C 82 -6.39 19.67 -37.20
C ARG C 82 -7.64 20.17 -37.90
N ILE C 83 -7.75 21.49 -38.10
CA ILE C 83 -8.86 22.03 -38.87
C ILE C 83 -8.74 21.61 -40.34
N TRP C 84 -7.53 21.65 -40.88
CA TRP C 84 -7.35 21.28 -42.29
C TRP C 84 -7.53 19.79 -42.51
N ALA C 85 -7.08 18.95 -41.59
CA ALA C 85 -7.27 17.52 -41.73
C ALA C 85 -8.63 17.05 -41.23
N ALA C 86 -9.45 17.93 -40.68
CA ALA C 86 -10.84 17.57 -40.45
C ALA C 86 -11.63 17.49 -41.75
N GLY C 87 -11.09 18.01 -42.85
CA GLY C 87 -11.68 17.80 -44.15
C GLY C 87 -11.55 16.40 -44.70
N CYS C 88 -10.76 15.56 -44.03
CA CYS C 88 -10.66 14.16 -44.43
C CYS C 88 -11.97 13.42 -44.21
N CYS C 89 -12.51 13.47 -43.00
CA CYS C 89 -13.58 12.57 -42.63
C CYS C 89 -14.84 12.85 -43.45
N CYS C 90 -15.66 11.82 -43.59
CA CYS C 90 -16.74 11.82 -44.56
C CYS C 90 -17.86 12.78 -44.19
N ARG C 91 -17.88 13.26 -42.95
CA ARG C 91 -18.90 14.20 -42.49
C ARG C 91 -18.44 15.64 -42.64
N TYR C 92 -17.28 15.98 -42.06
CA TYR C 92 -16.73 17.32 -42.17
C TYR C 92 -15.95 17.44 -43.47
N ARG C 93 -16.47 18.21 -44.43
CA ARG C 93 -15.72 18.52 -45.64
C ARG C 93 -16.26 19.79 -46.28
N GLY C 94 -15.36 20.69 -46.65
CA GLY C 94 -15.73 21.96 -47.25
C GLY C 94 -15.53 23.12 -46.29
N TRP C 95 -15.84 24.32 -46.80
CA TRP C 95 -15.74 25.50 -45.96
C TRP C 95 -16.77 25.46 -44.85
N ARG C 96 -18.00 25.05 -45.17
CA ARG C 96 -19.03 24.95 -44.15
C ARG C 96 -18.74 23.81 -43.20
N GLY C 97 -18.12 22.73 -43.69
CA GLY C 97 -17.83 21.61 -42.82
C GLY C 97 -16.69 21.91 -41.85
N ARG C 98 -15.65 22.59 -42.34
CA ARG C 98 -14.56 22.97 -41.44
C ARG C 98 -15.01 23.99 -40.42
N LEU C 99 -15.84 24.94 -40.82
CA LEU C 99 -16.38 25.89 -39.85
C LEU C 99 -17.46 25.25 -38.98
N LYS C 100 -18.05 24.15 -39.42
CA LYS C 100 -18.88 23.33 -38.54
C LYS C 100 -18.03 22.61 -37.50
N PHE C 101 -16.77 22.33 -37.83
CA PHE C 101 -15.85 21.85 -36.80
C PHE C 101 -15.37 22.97 -35.89
N ALA C 102 -15.40 24.22 -36.36
CA ALA C 102 -15.12 25.34 -35.47
C ALA C 102 -16.23 25.50 -34.43
N ARG C 103 -17.41 24.97 -34.69
CA ARG C 103 -18.52 25.06 -33.75
C ARG C 103 -18.34 24.15 -32.53
N LYS C 104 -17.37 23.25 -32.56
CA LYS C 104 -17.16 22.37 -31.42
C LYS C 104 -16.66 23.16 -30.22
N PRO C 105 -17.22 22.97 -29.03
CA PRO C 105 -16.79 23.78 -27.88
C PRO C 105 -15.38 23.48 -27.42
N PHE C 106 -14.86 22.28 -27.68
CA PHE C 106 -13.46 22.04 -27.39
C PHE C 106 -12.54 22.83 -28.31
N CYS C 107 -12.96 23.05 -29.56
CA CYS C 107 -12.13 23.85 -30.46
C CYS C 107 -12.15 25.33 -30.10
N VAL C 108 -13.24 25.83 -29.51
CA VAL C 108 -13.20 27.21 -29.03
C VAL C 108 -12.32 27.29 -27.79
N ILE C 109 -12.31 26.25 -26.97
CA ILE C 109 -11.43 26.23 -25.80
C ILE C 109 -9.98 26.27 -26.23
N ASP C 110 -9.61 25.45 -27.21
CA ASP C 110 -8.22 25.40 -27.63
C ASP C 110 -7.81 26.68 -28.34
N ILE C 111 -8.71 27.30 -29.10
CA ILE C 111 -8.32 28.52 -29.79
C ILE C 111 -8.31 29.70 -28.82
N MET C 112 -9.08 29.63 -27.73
CA MET C 112 -9.02 30.67 -26.72
C MET C 112 -7.70 30.60 -25.97
N VAL C 113 -7.24 29.39 -25.65
CA VAL C 113 -5.96 29.24 -24.97
C VAL C 113 -4.82 29.73 -25.85
N LEU C 114 -4.89 29.40 -27.15
CA LEU C 114 -3.80 29.75 -28.05
C LEU C 114 -3.69 31.25 -28.24
N ILE C 115 -4.83 31.93 -28.44
CA ILE C 115 -4.76 33.38 -28.57
C ILE C 115 -4.40 34.01 -27.23
N ALA C 116 -4.71 33.34 -26.11
CA ALA C 116 -4.39 33.91 -24.82
C ALA C 116 -2.89 33.82 -24.55
N SER C 117 -2.24 32.76 -25.03
CA SER C 117 -0.79 32.68 -24.91
C SER C 117 -0.10 33.69 -25.81
N ILE C 118 -0.72 34.06 -26.93
CA ILE C 118 -0.21 35.21 -27.67
C ILE C 118 -0.40 36.49 -26.87
N ALA C 119 -1.51 36.59 -26.14
CA ALA C 119 -1.80 37.82 -25.41
C ALA C 119 -0.87 37.98 -24.22
N VAL C 120 -0.52 36.88 -23.56
CA VAL C 120 0.47 36.93 -22.49
C VAL C 120 1.84 37.27 -23.06
N LEU C 121 2.13 36.78 -24.27
CA LEU C 121 3.37 37.13 -24.96
C LEU C 121 3.23 38.33 -25.88
N ALA C 122 2.37 39.28 -25.51
CA ALA C 122 2.25 40.53 -26.23
C ALA C 122 2.35 41.72 -25.28
N SER C 133 2.26 39.77 -12.48
CA SER C 133 1.76 38.40 -12.48
C SER C 133 1.61 37.86 -13.90
N ALA C 134 2.72 37.88 -14.65
CA ALA C 134 2.70 37.35 -16.01
C ALA C 134 2.98 35.84 -16.05
N LEU C 135 4.01 35.40 -15.34
CA LEU C 135 4.38 33.99 -15.41
C LEU C 135 3.37 33.10 -14.70
N ARG C 136 2.60 33.65 -13.77
CA ARG C 136 1.56 32.85 -13.13
C ARG C 136 0.40 32.59 -14.07
N SER C 137 0.05 33.58 -14.91
CA SER C 137 -0.95 33.35 -15.93
C SER C 137 -0.45 32.39 -16.99
N LEU C 138 0.83 32.48 -17.34
CA LEU C 138 1.39 31.51 -18.27
C LEU C 138 1.37 30.10 -17.69
N ARG C 139 1.56 29.99 -16.37
CA ARG C 139 1.53 28.68 -15.73
C ARG C 139 0.11 28.12 -15.70
N PHE C 140 -0.88 28.99 -15.50
CA PHE C 140 -2.26 28.54 -15.59
C PHE C 140 -2.59 28.05 -16.99
N LEU C 141 -2.03 28.69 -18.01
CA LEU C 141 -2.32 28.30 -19.39
C LEU C 141 -1.68 26.97 -19.74
N GLN C 142 -0.51 26.67 -19.17
CA GLN C 142 0.07 25.36 -19.43
C GLN C 142 -0.66 24.25 -18.69
N ILE C 143 -1.21 24.56 -17.51
CA ILE C 143 -2.01 23.56 -16.80
C ILE C 143 -3.26 23.24 -17.61
N LEU C 144 -3.91 24.28 -18.14
CA LEU C 144 -5.12 24.03 -18.92
C LEU C 144 -4.82 23.34 -20.24
N ARG C 145 -3.60 23.47 -20.75
CA ARG C 145 -3.24 22.67 -21.91
C ARG C 145 -3.08 21.21 -21.55
N MET C 146 -2.65 20.92 -20.32
CA MET C 146 -2.57 19.52 -19.91
C MET C 146 -3.95 18.92 -19.70
N ILE C 147 -4.92 19.72 -19.26
CA ILE C 147 -6.30 19.22 -19.19
C ILE C 147 -6.87 19.07 -20.59
N ARG C 148 -6.46 19.95 -21.50
CA ARG C 148 -6.83 19.87 -22.91
C ARG C 148 -6.30 18.62 -23.60
N MET C 149 -5.30 17.96 -23.02
CA MET C 149 -4.68 16.80 -23.66
C MET C 149 -5.63 15.61 -23.82
N ASP C 150 -6.70 15.53 -23.06
CA ASP C 150 -7.63 14.42 -23.20
C ASP C 150 -8.48 14.57 -24.46
N ARG C 151 -9.24 15.67 -24.55
CA ARG C 151 -10.19 15.97 -25.61
C ARG C 151 -11.39 15.03 -25.60
N ARG C 152 -11.39 14.02 -24.73
CA ARG C 152 -12.53 13.11 -24.66
C ARG C 152 -12.91 12.68 -23.26
N GLY C 153 -12.15 13.04 -22.23
CA GLY C 153 -12.44 12.57 -20.90
C GLY C 153 -12.30 11.07 -20.75
N GLY C 154 -11.38 10.44 -21.46
CA GLY C 154 -11.24 9.00 -21.35
C GLY C 154 -10.75 8.56 -20.00
N THR C 155 -9.90 9.38 -19.36
CA THR C 155 -9.42 9.06 -18.02
C THR C 155 -10.53 9.26 -16.99
N TRP C 156 -11.32 10.31 -17.15
CA TRP C 156 -12.41 10.55 -16.22
C TRP C 156 -13.52 9.53 -16.39
N LYS C 157 -13.77 9.07 -17.62
CA LYS C 157 -14.83 8.12 -17.84
C LYS C 157 -14.43 6.72 -17.38
N LEU C 158 -13.15 6.38 -17.52
CA LEU C 158 -12.68 5.10 -17.00
C LEU C 158 -12.74 5.06 -15.49
N LEU C 159 -12.30 6.14 -14.83
CA LEU C 159 -12.35 6.17 -13.38
C LEU C 159 -13.79 6.20 -12.88
N GLY C 160 -14.67 6.92 -13.58
CA GLY C 160 -16.04 7.00 -13.14
C GLY C 160 -16.77 5.68 -13.26
N SER C 161 -16.46 4.90 -14.29
CA SER C 161 -17.12 3.62 -14.44
C SER C 161 -16.66 2.64 -13.36
N VAL C 162 -15.37 2.64 -13.03
CA VAL C 162 -14.91 1.69 -12.04
C VAL C 162 -15.29 2.12 -10.63
N VAL C 163 -15.33 3.42 -10.36
CA VAL C 163 -15.75 3.87 -9.04
C VAL C 163 -17.23 3.61 -8.84
N TYR C 164 -18.04 3.82 -9.88
CA TYR C 164 -19.47 3.56 -9.75
C TYR C 164 -19.75 2.07 -9.61
N ALA C 165 -18.91 1.22 -10.20
CA ALA C 165 -19.13 -0.22 -10.08
C ALA C 165 -18.87 -0.71 -8.67
N HIS C 166 -17.97 -0.07 -7.93
CA HIS C 166 -17.57 -0.51 -6.61
C HIS C 166 -18.02 0.44 -5.51
N SER C 167 -19.18 1.06 -5.67
CA SER C 167 -19.54 2.14 -4.76
C SER C 167 -19.89 1.63 -3.37
N LYS C 168 -20.38 0.40 -3.26
CA LYS C 168 -20.77 -0.12 -1.95
C LYS C 168 -19.55 -0.45 -1.10
N GLU C 169 -18.47 -0.92 -1.73
CA GLU C 169 -17.28 -1.25 -0.95
C GLU C 169 -16.47 -0.01 -0.62
N LEU C 170 -16.44 0.99 -1.50
CA LEU C 170 -15.71 2.20 -1.19
C LEU C 170 -16.40 2.97 -0.07
N VAL C 171 -17.73 2.98 -0.07
CA VAL C 171 -18.44 3.64 1.02
C VAL C 171 -18.24 2.86 2.32
N THR C 172 -18.19 1.53 2.24
CA THR C 172 -17.93 0.74 3.43
C THR C 172 -16.53 0.97 3.98
N ALA C 173 -15.54 1.06 3.09
CA ALA C 173 -14.16 1.30 3.53
C ALA C 173 -14.03 2.68 4.17
N TRP C 174 -14.63 3.69 3.56
CA TRP C 174 -14.51 5.04 4.10
C TRP C 174 -15.28 5.18 5.40
N TYR C 175 -16.46 4.58 5.49
CA TYR C 175 -17.28 4.74 6.67
C TYR C 175 -16.67 4.03 7.88
N ILE C 176 -16.13 2.83 7.68
CA ILE C 176 -15.55 2.14 8.82
C ILE C 176 -14.20 2.71 9.19
N GLY C 177 -13.42 3.17 8.21
CA GLY C 177 -12.18 3.84 8.53
C GLY C 177 -12.39 5.16 9.23
N PHE C 178 -13.48 5.86 8.89
CA PHE C 178 -13.78 7.13 9.55
C PHE C 178 -14.18 6.91 11.00
N LEU C 179 -14.97 5.86 11.28
CA LEU C 179 -15.34 5.62 12.66
C LEU C 179 -14.16 5.13 13.47
N CYS C 180 -13.23 4.41 12.84
CA CYS C 180 -12.03 4.00 13.56
C CYS C 180 -11.11 5.19 13.83
N LEU C 181 -11.09 6.16 12.91
CA LEU C 181 -10.31 7.38 13.12
C LEU C 181 -10.82 8.17 14.31
N ILE C 182 -12.13 8.32 14.42
CA ILE C 182 -12.68 9.11 15.51
C ILE C 182 -12.51 8.38 16.84
N LEU C 183 -12.63 7.05 16.85
CA LEU C 183 -12.45 6.34 18.11
C LEU C 183 -10.99 6.35 18.54
N ALA C 184 -10.07 6.19 17.60
CA ALA C 184 -8.66 6.18 17.96
C ALA C 184 -8.21 7.55 18.42
N SER C 185 -8.68 8.61 17.77
CA SER C 185 -8.28 9.95 18.15
C SER C 185 -8.86 10.34 19.50
N PHE C 186 -10.06 9.88 19.81
CA PHE C 186 -10.63 10.22 21.10
C PHE C 186 -9.94 9.47 22.23
N LEU C 187 -9.60 8.21 22.00
CA LEU C 187 -8.98 7.44 23.08
C LEU C 187 -7.56 7.92 23.33
N VAL C 188 -6.83 8.31 22.28
CA VAL C 188 -5.48 8.79 22.47
C VAL C 188 -5.51 10.16 23.13
N TYR C 189 -6.47 11.01 22.75
CA TYR C 189 -6.57 12.32 23.38
C TYR C 189 -6.86 12.19 24.86
N LEU C 190 -7.77 11.28 25.22
CA LEU C 190 -8.05 11.05 26.64
C LEU C 190 -6.81 10.59 27.37
N ALA C 191 -5.97 9.79 26.70
CA ALA C 191 -4.79 9.27 27.37
C ALA C 191 -3.70 10.31 27.53
N GLU C 192 -3.63 11.29 26.65
CA GLU C 192 -2.49 12.19 26.56
C GLU C 192 -2.92 13.64 26.48
N LYS C 193 -3.83 14.05 27.37
CA LYS C 193 -4.18 15.46 27.42
C LYS C 193 -3.21 16.23 28.29
N GLY C 194 -2.84 15.69 29.45
CA GLY C 194 -1.99 16.40 30.38
C GLY C 194 -0.50 16.26 30.13
N GLU C 195 -0.06 15.04 29.84
CA GLU C 195 1.35 14.69 29.82
C GLU C 195 2.01 14.95 28.48
N ASN C 196 1.39 15.73 27.60
CA ASN C 196 1.92 15.90 26.26
C ASN C 196 1.40 17.20 25.67
N ASP C 197 2.31 18.07 25.23
CA ASP C 197 1.92 19.30 24.57
C ASP C 197 1.56 19.09 23.12
N HIS C 198 1.79 17.89 22.58
CA HIS C 198 1.34 17.58 21.24
C HIS C 198 -0.18 17.57 21.17
N PHE C 199 -0.82 16.88 22.10
CA PHE C 199 -2.26 16.67 22.09
C PHE C 199 -2.87 17.66 23.07
N ASP C 200 -3.05 18.90 22.60
CA ASP C 200 -3.57 19.95 23.46
C ASP C 200 -5.08 20.05 23.38
N THR C 201 -5.66 19.96 22.18
CA THR C 201 -7.09 20.02 21.99
C THR C 201 -7.54 18.75 21.28
N TYR C 202 -8.84 18.66 21.01
CA TYR C 202 -9.33 17.51 20.25
C TYR C 202 -8.84 17.56 18.80
N ALA C 203 -8.79 18.75 18.23
CA ALA C 203 -8.43 18.87 16.82
C ALA C 203 -6.99 18.44 16.57
N ASP C 204 -6.13 18.55 17.58
CA ASP C 204 -4.78 18.03 17.43
C ASP C 204 -4.76 16.51 17.46
N ALA C 205 -5.67 15.90 18.21
CA ALA C 205 -5.75 14.45 18.18
C ALA C 205 -6.30 13.97 16.84
N LEU C 206 -7.23 14.72 16.26
CA LEU C 206 -7.77 14.34 14.96
C LEU C 206 -6.73 14.49 13.86
N TRP C 207 -5.86 15.50 13.96
CA TRP C 207 -4.81 15.64 12.97
C TRP C 207 -3.75 14.56 13.13
N TRP C 208 -3.49 14.14 14.37
CA TRP C 208 -2.55 13.04 14.56
C TRP C 208 -3.11 11.75 13.99
N GLY C 209 -4.41 11.51 14.19
CA GLY C 209 -4.99 10.26 13.71
C GLY C 209 -5.05 10.22 12.20
N LEU C 210 -5.35 11.35 11.56
CA LEU C 210 -5.44 11.37 10.12
C LEU C 210 -4.07 11.17 9.48
N ILE C 211 -3.02 11.72 10.08
CA ILE C 211 -1.69 11.57 9.52
C ILE C 211 -1.11 10.18 9.81
N THR C 212 -1.50 9.55 10.91
CA THR C 212 -1.01 8.21 11.19
C THR C 212 -1.73 7.14 10.40
N LEU C 213 -3.06 7.24 10.29
CA LEU C 213 -3.82 6.14 9.70
C LEU C 213 -3.70 6.09 8.19
N THR C 214 -3.22 7.15 7.56
CA THR C 214 -2.82 7.09 6.17
C THR C 214 -1.36 6.68 6.02
N THR C 215 -0.71 6.33 7.13
CA THR C 215 0.71 5.98 7.18
C THR C 215 1.60 7.05 6.56
N ILE C 216 1.22 8.32 6.70
CA ILE C 216 2.15 9.39 6.38
C ILE C 216 3.21 9.49 7.48
N GLY C 217 2.79 9.83 8.68
CA GLY C 217 3.70 9.88 9.80
C GLY C 217 4.70 11.01 9.65
N TYR C 218 4.22 12.24 9.77
CA TYR C 218 5.11 13.39 9.68
C TYR C 218 6.10 13.38 10.84
N GLY C 219 5.61 13.09 12.03
CA GLY C 219 6.41 13.01 13.23
C GLY C 219 6.25 14.19 14.15
N ASP C 220 5.44 15.18 13.78
CA ASP C 220 5.27 16.34 14.63
C ASP C 220 4.44 16.01 15.87
N LYS C 221 3.51 15.07 15.75
CA LYS C 221 2.75 14.58 16.89
C LYS C 221 2.86 13.07 16.94
N TYR C 222 3.30 12.56 18.10
CA TYR C 222 3.36 11.13 18.37
C TYR C 222 3.06 10.93 19.84
N PRO C 223 2.40 9.84 20.21
CA PRO C 223 2.09 9.63 21.62
C PRO C 223 3.32 9.24 22.42
N GLN C 224 3.47 9.83 23.60
CA GLN C 224 4.68 9.70 24.39
C GLN C 224 4.46 9.09 25.76
N THR C 225 3.22 8.72 26.10
CA THR C 225 2.94 8.04 27.35
C THR C 225 2.91 6.54 27.08
N TRP C 226 2.57 5.76 28.11
CA TRP C 226 2.32 4.35 27.89
C TRP C 226 0.86 4.11 27.49
N ASN C 227 -0.04 4.97 27.96
CA ASN C 227 -1.45 4.83 27.62
C ASN C 227 -1.68 5.08 26.14
N GLY C 228 -1.09 6.15 25.62
CA GLY C 228 -1.29 6.47 24.22
C GLY C 228 -0.65 5.46 23.30
N ARG C 229 0.49 4.89 23.71
CA ARG C 229 1.14 3.89 22.87
C ARG C 229 0.41 2.57 22.93
N LEU C 230 -0.21 2.24 24.06
CA LEU C 230 -0.96 1.00 24.15
C LEU C 230 -2.24 1.08 23.33
N LEU C 231 -2.91 2.23 23.33
CA LEU C 231 -4.13 2.36 22.54
C LEU C 231 -3.82 2.50 21.05
N ALA C 232 -2.79 3.26 20.71
CA ALA C 232 -2.48 3.45 19.31
C ALA C 232 -1.88 2.19 18.68
N ALA C 233 -1.35 1.27 19.49
CA ALA C 233 -0.82 0.05 18.90
C ALA C 233 -1.92 -0.81 18.32
N THR C 234 -3.06 -0.91 19.01
CA THR C 234 -4.18 -1.67 18.47
C THR C 234 -4.80 -0.95 17.28
N PHE C 235 -5.09 0.34 17.45
CA PHE C 235 -5.86 1.03 16.43
C PHE C 235 -5.04 1.31 15.18
N THR C 236 -3.71 1.27 15.25
CA THR C 236 -2.96 1.47 14.02
C THR C 236 -3.03 0.23 13.14
N LEU C 237 -3.08 -0.96 13.75
CA LEU C 237 -3.11 -2.19 12.96
C LEU C 237 -4.45 -2.36 12.28
N ILE C 238 -5.53 -1.90 12.92
CA ILE C 238 -6.83 -1.97 12.30
C ILE C 238 -7.01 -0.85 11.28
N GLY C 239 -6.60 0.37 11.64
CA GLY C 239 -7.00 1.53 10.87
C GLY C 239 -6.22 1.68 9.58
N VAL C 240 -4.94 1.31 9.57
CA VAL C 240 -4.20 1.52 8.34
C VAL C 240 -4.64 0.54 7.28
N SER C 241 -5.22 -0.60 7.68
CA SER C 241 -5.82 -1.52 6.73
C SER C 241 -7.08 -0.92 6.14
N PHE C 242 -7.91 -0.29 6.98
CA PHE C 242 -9.14 0.29 6.46
C PHE C 242 -8.88 1.50 5.58
N PHE C 243 -7.71 2.13 5.71
CA PHE C 243 -7.40 3.26 4.83
C PHE C 243 -6.64 2.85 3.59
N ALA C 244 -5.95 1.72 3.62
CA ALA C 244 -5.32 1.18 2.42
C ALA C 244 -6.27 0.33 1.60
N LEU C 245 -7.52 0.17 2.05
CA LEU C 245 -8.47 -0.65 1.30
C LEU C 245 -8.82 -0.07 -0.07
N PRO C 246 -9.32 1.17 -0.18
CA PRO C 246 -9.88 1.58 -1.48
C PRO C 246 -8.87 1.70 -2.61
N ALA C 247 -7.57 1.78 -2.31
CA ALA C 247 -6.59 1.66 -3.38
C ALA C 247 -6.48 0.22 -3.85
N GLY C 248 -6.68 -0.75 -2.96
CA GLY C 248 -6.67 -2.13 -3.36
C GLY C 248 -7.94 -2.52 -4.10
N ILE C 249 -9.08 -1.97 -3.68
CA ILE C 249 -10.34 -2.28 -4.32
C ILE C 249 -10.38 -1.72 -5.72
N LEU C 250 -9.97 -0.47 -5.91
CA LEU C 250 -9.96 0.07 -7.27
C LEU C 250 -8.83 -0.51 -8.10
N GLY C 251 -7.75 -0.95 -7.48
CA GLY C 251 -6.68 -1.55 -8.25
C GLY C 251 -7.08 -2.89 -8.84
N SER C 252 -7.72 -3.73 -8.03
CA SER C 252 -8.20 -5.00 -8.58
C SER C 252 -9.42 -4.82 -9.45
N GLY C 253 -10.18 -3.74 -9.28
CA GLY C 253 -11.26 -3.46 -10.20
C GLY C 253 -10.76 -3.12 -11.58
N PHE C 254 -9.69 -2.33 -11.67
CA PHE C 254 -9.09 -2.02 -12.96
C PHE C 254 -8.50 -3.25 -13.62
N ALA C 255 -7.87 -4.13 -12.83
CA ALA C 255 -7.23 -5.28 -13.43
C ALA C 255 -8.25 -6.31 -13.90
N LEU C 256 -9.33 -6.50 -13.14
CA LEU C 256 -10.37 -7.43 -13.57
C LEU C 256 -11.09 -6.91 -14.80
N LYS C 257 -11.31 -5.60 -14.88
CA LYS C 257 -11.97 -5.03 -16.04
C LYS C 257 -11.13 -5.18 -17.29
N VAL C 258 -9.82 -4.99 -17.19
CA VAL C 258 -9.02 -5.08 -18.40
C VAL C 258 -8.78 -6.53 -18.79
N GLN C 259 -8.91 -7.46 -17.85
CA GLN C 259 -8.75 -8.85 -18.22
C GLN C 259 -9.97 -9.34 -19.00
N GLU C 260 -11.17 -8.94 -18.57
CA GLU C 260 -12.35 -9.37 -19.30
C GLU C 260 -12.45 -8.66 -20.64
N GLN C 261 -11.90 -7.45 -20.76
CA GLN C 261 -11.89 -6.83 -22.08
C GLN C 261 -10.90 -7.52 -23.01
N HIS C 262 -9.84 -8.11 -22.47
CA HIS C 262 -8.94 -8.88 -23.32
C HIS C 262 -9.62 -10.14 -23.82
N ARG C 263 -10.41 -10.80 -22.97
CA ARG C 263 -11.10 -12.00 -23.41
C ARG C 263 -12.23 -11.67 -24.37
N GLN C 264 -12.94 -10.56 -24.15
CA GLN C 264 -13.98 -10.14 -25.07
C GLN C 264 -13.45 -9.42 -26.29
N LYS C 265 -12.13 -9.27 -26.41
CA LYS C 265 -11.50 -8.95 -27.67
C LYS C 265 -10.99 -10.19 -28.40
N HIS C 266 -10.56 -11.21 -27.66
CA HIS C 266 -10.08 -12.43 -28.31
C HIS C 266 -11.21 -13.29 -28.88
N PHE C 267 -12.46 -13.03 -28.50
CA PHE C 267 -13.58 -13.60 -29.23
C PHE C 267 -13.85 -12.81 -30.51
N GLU C 268 -14.21 -11.55 -30.36
CA GLU C 268 -14.49 -10.70 -31.51
C GLU C 268 -13.24 -9.93 -31.93
N ARG D 8 33.63 -43.97 -22.99
CA ARG D 8 34.24 -42.75 -22.47
C ARG D 8 33.53 -41.51 -23.03
N ASN D 9 32.98 -41.64 -24.23
CA ASN D 9 32.18 -40.56 -24.80
C ASN D 9 30.79 -40.49 -24.19
N ALA D 10 30.33 -41.57 -23.56
CA ALA D 10 28.98 -41.60 -23.01
C ALA D 10 28.88 -40.70 -21.80
N PHE D 11 29.77 -40.90 -20.83
CA PHE D 11 29.78 -40.05 -19.64
C PHE D 11 30.17 -38.63 -20.01
N TYR D 12 30.97 -38.50 -21.06
CA TYR D 12 31.31 -37.20 -21.63
C TYR D 12 30.06 -36.41 -22.01
N ARG D 13 29.24 -36.97 -22.90
CA ARG D 13 28.08 -36.25 -23.37
C ARG D 13 26.98 -36.18 -22.30
N LYS D 14 26.94 -37.15 -21.39
CA LYS D 14 25.93 -37.11 -20.34
C LYS D 14 26.18 -35.93 -19.41
N LEU D 15 27.43 -35.77 -18.97
CA LEU D 15 27.74 -34.64 -18.10
C LEU D 15 27.72 -33.33 -18.89
N GLN D 16 27.92 -33.39 -20.20
CA GLN D 16 27.86 -32.16 -21.00
C GLN D 16 26.46 -31.59 -21.02
N ASN D 17 25.45 -32.45 -21.20
CA ASN D 17 24.08 -31.96 -21.14
C ASN D 17 23.65 -31.63 -19.72
N PHE D 18 24.22 -32.32 -18.72
CA PHE D 18 23.91 -31.97 -17.34
C PHE D 18 24.42 -30.58 -17.01
N LEU D 19 25.67 -30.28 -17.37
CA LEU D 19 26.20 -28.96 -17.10
C LEU D 19 25.56 -27.90 -17.98
N TYR D 20 25.12 -28.27 -19.18
CA TYR D 20 24.44 -27.28 -20.00
C TYR D 20 23.08 -26.94 -19.42
N ASN D 21 22.43 -27.89 -18.76
CA ASN D 21 21.12 -27.61 -18.20
C ASN D 21 21.20 -27.00 -16.80
N VAL D 22 22.37 -27.03 -16.16
CA VAL D 22 22.54 -26.29 -14.92
C VAL D 22 23.03 -24.87 -15.19
N LEU D 23 23.77 -24.66 -16.28
CA LEU D 23 24.35 -23.35 -16.57
C LEU D 23 23.43 -22.50 -17.45
N GLU D 24 22.84 -23.09 -18.48
CA GLU D 24 21.72 -22.45 -19.15
C GLU D 24 20.43 -22.87 -18.42
N ARG D 25 19.27 -22.69 -19.06
CA ARG D 25 17.99 -22.64 -18.36
C ARG D 25 17.79 -23.74 -17.33
N PRO D 26 17.82 -23.40 -16.05
CA PRO D 26 17.74 -24.41 -15.00
C PRO D 26 16.28 -24.59 -14.57
N ARG D 27 16.04 -25.67 -13.83
CA ARG D 27 14.69 -25.94 -13.33
C ARG D 27 14.61 -25.94 -11.82
N GLY D 28 15.35 -26.81 -11.12
CA GLY D 28 15.07 -27.11 -9.74
C GLY D 28 16.20 -26.79 -8.79
N TRP D 29 16.93 -27.81 -8.38
CA TRP D 29 18.09 -27.63 -7.52
C TRP D 29 19.29 -27.00 -8.24
N ALA D 30 19.15 -26.65 -9.52
CA ALA D 30 20.16 -25.84 -10.17
C ALA D 30 20.07 -24.37 -9.74
N PHE D 31 18.91 -23.96 -9.23
CA PHE D 31 18.81 -22.61 -8.68
C PHE D 31 19.57 -22.50 -7.37
N ILE D 32 19.96 -23.63 -6.77
CA ILE D 32 20.87 -23.60 -5.63
C ILE D 32 22.21 -23.00 -6.05
N TYR D 33 22.74 -23.45 -7.19
CA TYR D 33 24.00 -22.92 -7.67
C TYR D 33 23.87 -21.47 -8.10
N HIS D 34 22.75 -21.11 -8.73
CA HIS D 34 22.59 -19.72 -9.13
C HIS D 34 22.34 -18.82 -7.93
N ALA D 35 21.79 -19.36 -6.83
CA ALA D 35 21.65 -18.55 -5.63
C ALA D 35 23.00 -18.34 -4.94
N TYR D 36 23.89 -19.33 -4.97
CA TYR D 36 25.17 -19.14 -4.30
C TYR D 36 26.06 -18.18 -5.08
N VAL D 37 25.94 -18.15 -6.41
CA VAL D 37 26.72 -17.17 -7.15
C VAL D 37 26.13 -15.78 -6.94
N PHE D 38 24.82 -15.66 -6.78
CA PHE D 38 24.26 -14.37 -6.43
C PHE D 38 24.66 -13.93 -5.03
N LEU D 39 24.86 -14.88 -4.11
CA LEU D 39 25.32 -14.49 -2.79
C LEU D 39 26.78 -14.05 -2.80
N LEU D 40 27.59 -14.59 -3.70
CA LEU D 40 28.96 -14.10 -3.81
C LEU D 40 28.99 -12.67 -4.31
N VAL D 41 28.17 -12.34 -5.32
CA VAL D 41 28.21 -10.97 -5.81
C VAL D 41 27.49 -10.01 -4.88
N PHE D 42 26.55 -10.50 -4.07
CA PHE D 42 25.87 -9.61 -3.14
C PHE D 42 26.75 -9.35 -1.92
N SER D 43 27.46 -10.38 -1.46
CA SER D 43 28.37 -10.17 -0.33
C SER D 43 29.56 -9.31 -0.72
N CYS D 44 29.99 -9.38 -1.97
CA CYS D 44 31.05 -8.47 -2.41
C CYS D 44 30.51 -7.05 -2.55
N LEU D 45 29.23 -6.88 -2.89
CA LEU D 45 28.70 -5.54 -2.98
C LEU D 45 28.55 -4.90 -1.60
N VAL D 46 28.05 -5.66 -0.63
CA VAL D 46 27.87 -5.10 0.69
C VAL D 46 29.22 -4.79 1.32
N LEU D 47 30.21 -5.68 1.13
CA LEU D 47 31.51 -5.43 1.72
C LEU D 47 32.20 -4.26 1.04
N SER D 48 31.93 -4.03 -0.23
CA SER D 48 32.51 -2.85 -0.86
C SER D 48 31.82 -1.57 -0.39
N VAL D 49 30.58 -1.66 0.06
CA VAL D 49 29.93 -0.50 0.67
C VAL D 49 30.55 -0.21 2.03
N PHE D 50 30.86 -1.26 2.79
CA PHE D 50 31.53 -1.07 4.07
C PHE D 50 32.96 -0.58 3.90
N SER D 51 33.53 -0.70 2.71
CA SER D 51 34.89 -0.24 2.48
C SER D 51 35.00 1.27 2.27
N THR D 52 33.92 1.94 1.87
CA THR D 52 34.01 3.37 1.60
C THR D 52 33.96 4.21 2.86
N ILE D 53 33.50 3.66 3.98
CA ILE D 53 33.54 4.36 5.26
C ILE D 53 34.96 4.35 5.79
N LYS D 54 35.38 5.47 6.37
CA LYS D 54 36.80 5.63 6.70
C LYS D 54 37.20 4.76 7.89
N GLU D 55 36.29 4.54 8.84
CA GLU D 55 36.67 3.82 10.05
C GLU D 55 36.52 2.31 9.90
N TYR D 56 35.75 1.82 8.93
CA TYR D 56 35.59 0.40 8.71
C TYR D 56 36.34 -0.08 7.49
N GLU D 57 37.36 0.69 7.06
CA GLU D 57 38.02 0.39 5.80
C GLU D 57 39.03 -0.75 5.90
N LYS D 58 39.71 -0.89 7.03
CA LYS D 58 40.77 -1.89 7.11
C LYS D 58 40.20 -3.29 7.15
N SER D 59 39.20 -3.53 8.00
CA SER D 59 38.57 -4.85 8.05
C SER D 59 37.91 -5.20 6.73
N SER D 60 37.24 -4.22 6.12
CA SER D 60 36.47 -4.51 4.91
C SER D 60 37.40 -4.85 3.76
N GLU D 61 38.45 -4.05 3.54
CA GLU D 61 39.30 -4.36 2.39
C GLU D 61 40.18 -5.56 2.66
N GLY D 62 40.47 -5.85 3.94
CA GLY D 62 41.20 -7.05 4.27
C GLY D 62 40.46 -8.32 3.88
N ALA D 63 39.14 -8.29 3.91
CA ALA D 63 38.38 -9.42 3.39
C ALA D 63 37.97 -9.24 1.93
N LEU D 64 37.93 -8.00 1.44
CA LEU D 64 37.47 -7.75 0.09
C LEU D 64 38.50 -8.20 -0.94
N TYR D 65 39.77 -8.27 -0.55
CA TYR D 65 40.79 -8.76 -1.47
C TYR D 65 40.57 -10.24 -1.80
N ILE D 66 40.40 -11.07 -0.79
CA ILE D 66 40.23 -12.50 -1.04
C ILE D 66 38.86 -12.78 -1.62
N LEU D 67 37.85 -11.97 -1.30
CA LEU D 67 36.54 -12.22 -1.87
C LEU D 67 36.48 -11.82 -3.34
N GLU D 68 37.30 -10.85 -3.74
CA GLU D 68 37.34 -10.52 -5.16
C GLU D 68 38.12 -11.55 -5.95
N ILE D 69 39.17 -12.13 -5.36
CA ILE D 69 39.89 -13.20 -6.03
C ILE D 69 38.99 -14.43 -6.16
N VAL D 70 38.19 -14.70 -5.14
CA VAL D 70 37.30 -15.85 -5.20
C VAL D 70 36.23 -15.64 -6.26
N THR D 71 35.65 -14.44 -6.33
CA THR D 71 34.61 -14.20 -7.32
C THR D 71 35.18 -14.22 -8.73
N ILE D 72 36.43 -13.76 -8.92
CA ILE D 72 36.97 -13.79 -10.27
C ILE D 72 37.33 -15.21 -10.68
N VAL D 73 37.64 -16.09 -9.72
CA VAL D 73 37.94 -17.46 -10.08
C VAL D 73 36.67 -18.22 -10.39
N VAL D 74 35.64 -18.04 -9.56
CA VAL D 74 34.38 -18.77 -9.76
C VAL D 74 33.73 -18.35 -11.06
N PHE D 75 33.77 -17.05 -11.37
CA PHE D 75 33.22 -16.60 -12.65
C PHE D 75 34.11 -17.05 -13.81
N GLY D 76 35.40 -17.24 -13.56
CA GLY D 76 36.27 -17.71 -14.64
C GLY D 76 35.95 -19.13 -15.05
N VAL D 77 35.79 -20.02 -14.08
CA VAL D 77 35.51 -21.41 -14.43
C VAL D 77 34.08 -21.56 -14.93
N GLU D 78 33.16 -20.71 -14.48
CA GLU D 78 31.79 -20.83 -14.96
C GLU D 78 31.68 -20.35 -16.41
N TYR D 79 32.44 -19.31 -16.77
CA TYR D 79 32.49 -18.90 -18.16
C TYR D 79 33.14 -19.97 -19.02
N PHE D 80 34.26 -20.52 -18.56
CA PHE D 80 35.01 -21.45 -19.40
C PHE D 80 34.24 -22.74 -19.63
N VAL D 81 33.56 -23.25 -18.60
CA VAL D 81 32.76 -24.45 -18.83
C VAL D 81 31.37 -24.15 -19.36
N ARG D 82 30.95 -22.89 -19.45
CA ARG D 82 29.81 -22.58 -20.31
C ARG D 82 30.20 -22.71 -21.78
N ILE D 83 31.42 -22.29 -22.13
CA ILE D 83 31.90 -22.48 -23.49
C ILE D 83 32.11 -23.97 -23.78
N TRP D 84 32.66 -24.70 -22.81
CA TRP D 84 32.90 -26.12 -23.02
C TRP D 84 31.61 -26.92 -23.05
N ALA D 85 30.64 -26.58 -22.22
CA ALA D 85 29.36 -27.29 -22.23
C ALA D 85 28.41 -26.75 -23.29
N ALA D 86 28.77 -25.70 -24.02
CA ALA D 86 28.01 -25.35 -25.21
C ALA D 86 28.22 -26.34 -26.34
N GLY D 87 29.23 -27.20 -26.25
CA GLY D 87 29.38 -28.30 -27.18
C GLY D 87 28.37 -29.41 -27.02
N CYS D 88 27.58 -29.37 -25.95
CA CYS D 88 26.51 -30.34 -25.78
C CYS D 88 25.43 -30.18 -26.84
N CYS D 89 24.88 -28.98 -26.98
CA CYS D 89 23.67 -28.81 -27.75
C CYS D 89 23.90 -29.13 -29.22
N CYS D 90 22.82 -29.51 -29.89
CA CYS D 90 22.90 -30.13 -31.21
C CYS D 90 23.33 -29.14 -32.28
N ARG D 91 23.29 -27.83 -31.99
CA ARG D 91 23.69 -26.80 -32.93
C ARG D 91 25.15 -26.41 -32.75
N TYR D 92 25.53 -26.01 -31.53
CA TYR D 92 26.91 -25.65 -31.24
C TYR D 92 27.70 -26.92 -30.92
N ARG D 93 28.61 -27.30 -31.82
CA ARG D 93 29.53 -28.40 -31.53
C ARG D 93 30.77 -28.28 -32.42
N GLY D 94 31.95 -28.42 -31.82
CA GLY D 94 33.20 -28.31 -32.53
C GLY D 94 33.92 -27.02 -32.21
N TRP D 95 35.10 -26.87 -32.83
CA TRP D 95 35.87 -25.65 -32.65
C TRP D 95 35.15 -24.47 -33.27
N ARG D 96 34.59 -24.65 -34.46
CA ARG D 96 33.85 -23.58 -35.11
C ARG D 96 32.55 -23.31 -34.37
N GLY D 97 31.93 -24.33 -33.80
CA GLY D 97 30.68 -24.12 -33.09
C GLY D 97 30.88 -23.40 -31.76
N ARG D 98 31.94 -23.77 -31.02
CA ARG D 98 32.22 -23.06 -29.78
C ARG D 98 32.63 -21.62 -30.03
N LEU D 99 33.42 -21.38 -31.08
CA LEU D 99 33.75 -20.00 -31.41
C LEU D 99 32.58 -19.27 -32.07
N LYS D 100 31.61 -20.01 -32.61
CA LYS D 100 30.34 -19.40 -33.00
C LYS D 100 29.53 -19.00 -31.78
N PHE D 101 29.73 -19.68 -30.65
CA PHE D 101 29.15 -19.20 -29.40
C PHE D 101 29.94 -18.03 -28.83
N ALA D 102 31.21 -17.89 -29.18
CA ALA D 102 31.95 -16.69 -28.80
C ALA D 102 31.42 -15.46 -29.54
N ARG D 103 30.74 -15.66 -30.66
CA ARG D 103 30.17 -14.55 -31.42
C ARG D 103 28.96 -13.92 -30.75
N LYS D 104 28.42 -14.55 -29.71
CA LYS D 104 27.26 -13.98 -29.04
C LYS D 104 27.65 -12.70 -28.31
N PRO D 105 26.88 -11.62 -28.44
CA PRO D 105 27.29 -10.36 -27.80
C PRO D 105 27.21 -10.40 -26.29
N PHE D 106 26.38 -11.26 -25.71
CA PHE D 106 26.42 -11.42 -24.26
C PHE D 106 27.70 -12.09 -23.80
N CYS D 107 28.26 -13.00 -24.62
CA CYS D 107 29.52 -13.62 -24.23
C CYS D 107 30.70 -12.66 -24.34
N VAL D 108 30.64 -11.69 -25.26
CA VAL D 108 31.70 -10.68 -25.27
C VAL D 108 31.53 -9.76 -24.07
N ILE D 109 30.30 -9.49 -23.65
CA ILE D 109 30.07 -8.67 -22.47
C ILE D 109 30.64 -9.35 -21.24
N ASP D 110 30.38 -10.65 -21.08
CA ASP D 110 30.85 -11.35 -19.89
C ASP D 110 32.36 -11.50 -19.91
N ILE D 111 32.96 -11.70 -21.08
CA ILE D 111 34.41 -11.86 -21.11
C ILE D 111 35.10 -10.51 -20.96
N MET D 112 34.43 -9.41 -21.34
CA MET D 112 35.00 -8.09 -21.12
C MET D 112 35.00 -7.76 -19.64
N VAL D 113 33.92 -8.10 -18.93
CA VAL D 113 33.86 -7.86 -17.49
C VAL D 113 34.91 -8.67 -16.77
N LEU D 114 35.09 -9.93 -17.19
CA LEU D 114 36.02 -10.81 -16.49
C LEU D 114 37.46 -10.35 -16.66
N ILE D 115 37.85 -9.98 -17.89
CA ILE D 115 39.20 -9.48 -18.07
C ILE D 115 39.35 -8.12 -17.41
N ALA D 116 38.25 -7.35 -17.27
CA ALA D 116 38.36 -6.06 -16.64
C ALA D 116 38.57 -6.19 -15.14
N SER D 117 37.97 -7.21 -14.52
CA SER D 117 38.23 -7.46 -13.11
C SER D 117 39.64 -7.97 -12.88
N ILE D 118 40.23 -8.64 -13.87
CA ILE D 118 41.67 -8.91 -13.78
C ILE D 118 42.46 -7.62 -13.89
N ALA D 119 41.99 -6.69 -14.73
CA ALA D 119 42.74 -5.46 -14.94
C ALA D 119 42.68 -4.55 -13.72
N VAL D 120 41.53 -4.53 -13.03
CA VAL D 120 41.44 -3.79 -11.78
C VAL D 120 42.30 -4.45 -10.72
N LEU D 121 42.40 -5.78 -10.75
CA LEU D 121 43.28 -6.51 -9.85
C LEU D 121 44.66 -6.75 -10.44
N ALA D 122 45.15 -5.83 -11.27
CA ALA D 122 46.50 -5.90 -11.78
C ALA D 122 47.23 -4.58 -11.56
N SER D 133 40.67 5.78 -7.41
CA SER D 133 39.32 5.31 -7.68
C SER D 133 39.34 3.87 -8.19
N ALA D 134 39.92 2.97 -7.38
CA ALA D 134 39.95 1.56 -7.74
C ALA D 134 38.70 0.81 -7.28
N LEU D 135 38.30 1.01 -6.02
CA LEU D 135 37.17 0.26 -5.50
C LEU D 135 35.86 0.72 -6.10
N ARG D 136 35.80 1.93 -6.62
CA ARG D 136 34.57 2.39 -7.28
C ARG D 136 34.39 1.70 -8.62
N SER D 137 35.50 1.48 -9.35
CA SER D 137 35.42 0.71 -10.58
C SER D 137 35.09 -0.75 -10.30
N LEU D 138 35.63 -1.30 -9.21
CA LEU D 138 35.26 -2.65 -8.84
C LEU D 138 33.79 -2.75 -8.47
N ARG D 139 33.24 -1.69 -7.88
CA ARG D 139 31.83 -1.69 -7.52
C ARG D 139 30.95 -1.59 -8.76
N PHE D 140 31.39 -0.82 -9.75
CA PHE D 140 30.67 -0.79 -11.02
C PHE D 140 30.67 -2.15 -11.69
N LEU D 141 31.77 -2.89 -11.57
CA LEU D 141 31.86 -4.19 -12.21
C LEU D 141 30.98 -5.23 -11.52
N GLN D 142 30.80 -5.11 -10.21
CA GLN D 142 29.88 -6.04 -9.56
C GLN D 142 28.43 -5.70 -9.86
N ILE D 143 28.12 -4.42 -10.05
CA ILE D 143 26.76 -4.05 -10.45
C ILE D 143 26.45 -4.62 -11.82
N LEU D 144 27.40 -4.49 -12.75
CA LEU D 144 27.16 -5.01 -14.10
C LEU D 144 27.13 -6.52 -14.12
N ARG D 145 27.75 -7.19 -13.15
CA ARG D 145 27.56 -8.63 -13.05
C ARG D 145 26.17 -8.98 -12.59
N MET D 146 25.56 -8.13 -11.76
CA MET D 146 24.18 -8.39 -11.36
C MET D 146 23.21 -8.16 -12.51
N ILE D 147 23.50 -7.21 -13.39
CA ILE D 147 22.68 -7.06 -14.60
C ILE D 147 22.92 -8.23 -15.54
N ARG D 148 24.16 -8.74 -15.57
CA ARG D 148 24.52 -9.91 -16.34
C ARG D 148 23.80 -11.18 -15.88
N MET D 149 23.25 -11.18 -14.66
CA MET D 149 22.62 -12.38 -14.12
C MET D 149 21.38 -12.82 -14.88
N ASP D 150 20.74 -11.95 -15.64
CA ASP D 150 19.56 -12.35 -16.41
C ASP D 150 19.95 -13.19 -17.62
N ARG D 151 20.77 -12.63 -18.51
CA ARG D 151 21.18 -13.22 -19.78
C ARG D 151 20.03 -13.35 -20.77
N ARG D 152 18.81 -13.03 -20.35
CA ARG D 152 17.68 -13.11 -21.28
C ARG D 152 16.68 -11.99 -21.15
N GLY D 153 16.81 -11.10 -20.16
CA GLY D 153 15.81 -10.07 -19.95
C GLY D 153 14.45 -10.62 -19.56
N GLY D 154 14.40 -11.72 -18.82
CA GLY D 154 13.11 -12.28 -18.46
C GLY D 154 12.34 -11.39 -17.51
N THR D 155 13.05 -10.67 -16.63
CA THR D 155 12.39 -9.74 -15.73
C THR D 155 11.90 -8.51 -16.48
N TRP D 156 12.69 -8.02 -17.42
CA TRP D 156 12.27 -6.86 -18.19
C TRP D 156 11.13 -7.21 -19.14
N LYS D 157 11.13 -8.42 -19.69
CA LYS D 157 10.08 -8.79 -20.62
C LYS D 157 8.77 -9.09 -19.90
N LEU D 158 8.85 -9.63 -18.69
CA LEU D 158 7.63 -9.84 -17.91
C LEU D 158 7.02 -8.52 -17.49
N LEU D 159 7.85 -7.58 -17.03
CA LEU D 159 7.31 -6.28 -16.63
C LEU D 159 6.79 -5.51 -17.83
N GLY D 160 7.46 -5.63 -18.98
CA GLY D 160 7.01 -4.89 -20.14
C GLY D 160 5.70 -5.41 -20.68
N SER D 161 5.47 -6.72 -20.60
CA SER D 161 4.21 -7.26 -21.07
C SER D 161 3.05 -6.84 -20.17
N VAL D 162 3.26 -6.83 -18.87
CA VAL D 162 2.17 -6.49 -17.98
C VAL D 162 1.92 -4.98 -17.97
N VAL D 163 2.97 -4.17 -18.10
CA VAL D 163 2.77 -2.73 -18.15
C VAL D 163 2.07 -2.34 -19.45
N TYR D 164 2.44 -2.98 -20.56
CA TYR D 164 1.79 -2.67 -21.83
C TYR D 164 0.34 -3.12 -21.84
N ALA D 165 0.02 -4.19 -21.11
CA ALA D 165 -1.36 -4.66 -21.07
C ALA D 165 -2.26 -3.70 -20.33
N HIS D 166 -1.73 -2.98 -19.33
CA HIS D 166 -2.52 -2.10 -18.49
C HIS D 166 -2.20 -0.63 -18.70
N SER D 167 -1.88 -0.24 -19.94
CA SER D 167 -1.36 1.10 -20.15
C SER D 167 -2.43 2.17 -19.97
N LYS D 168 -3.69 1.84 -20.23
CA LYS D 168 -4.74 2.85 -20.11
C LYS D 168 -5.04 3.18 -18.66
N GLU D 169 -4.94 2.19 -17.77
CA GLU D 169 -5.22 2.46 -16.36
C GLU D 169 -4.03 3.10 -15.67
N LEU D 170 -2.81 2.76 -16.06
CA LEU D 170 -1.65 3.39 -15.45
C LEU D 170 -1.57 4.86 -15.87
N VAL D 171 -1.90 5.16 -17.12
CA VAL D 171 -1.91 6.55 -17.54
C VAL D 171 -3.04 7.31 -16.84
N THR D 172 -4.17 6.65 -16.63
CA THR D 172 -5.26 7.29 -15.90
C THR D 172 -4.90 7.56 -14.45
N ALA D 173 -4.23 6.60 -13.81
CA ALA D 173 -3.83 6.79 -12.41
C ALA D 173 -2.80 7.91 -12.28
N TRP D 174 -1.83 7.96 -13.19
CA TRP D 174 -0.80 8.98 -13.10
C TRP D 174 -1.36 10.35 -13.43
N TYR D 175 -2.24 10.43 -14.43
CA TYR D 175 -2.74 11.72 -14.86
C TYR D 175 -3.67 12.32 -13.81
N ILE D 176 -4.53 11.52 -13.19
CA ILE D 176 -5.42 12.09 -12.21
C ILE D 176 -4.70 12.35 -10.89
N GLY D 177 -3.72 11.52 -10.53
CA GLY D 177 -2.93 11.82 -9.36
C GLY D 177 -2.07 13.05 -9.53
N PHE D 178 -1.60 13.29 -10.76
CA PHE D 178 -0.80 14.48 -11.02
C PHE D 178 -1.64 15.75 -10.92
N LEU D 179 -2.88 15.71 -11.42
CA LEU D 179 -3.71 16.90 -11.31
C LEU D 179 -4.15 17.13 -9.87
N CYS D 180 -4.31 16.07 -9.10
CA CYS D 180 -4.62 16.25 -7.69
C CYS D 180 -3.43 16.79 -6.91
N LEU D 181 -2.22 16.40 -7.32
CA LEU D 181 -1.01 16.94 -6.68
C LEU D 181 -0.89 18.43 -6.91
N ILE D 182 -1.13 18.89 -8.14
CA ILE D 182 -0.98 20.30 -8.42
C ILE D 182 -2.08 21.11 -7.75
N LEU D 183 -3.30 20.58 -7.67
CA LEU D 183 -4.36 21.32 -7.01
C LEU D 183 -4.13 21.38 -5.50
N ALA D 184 -3.69 20.29 -4.91
CA ALA D 184 -3.47 20.28 -3.47
C ALA D 184 -2.30 21.19 -3.11
N SER D 185 -1.24 21.18 -3.90
CA SER D 185 -0.08 22.00 -3.59
C SER D 185 -0.39 23.47 -3.77
N PHE D 186 -1.23 23.82 -4.74
CA PHE D 186 -1.56 25.22 -4.93
C PHE D 186 -2.47 25.73 -3.82
N LEU D 187 -3.42 24.91 -3.40
CA LEU D 187 -4.35 25.38 -2.37
C LEU D 187 -3.65 25.49 -1.02
N VAL D 188 -2.72 24.58 -0.72
CA VAL D 188 -2.01 24.65 0.54
C VAL D 188 -1.05 25.83 0.53
N TYR D 189 -0.40 26.07 -0.62
CA TYR D 189 0.50 27.22 -0.71
C TYR D 189 -0.24 28.52 -0.51
N LEU D 190 -1.42 28.64 -1.12
CA LEU D 190 -2.22 29.84 -0.91
C LEU D 190 -2.59 30.01 0.55
N ALA D 191 -2.84 28.89 1.25
CA ALA D 191 -3.25 28.99 2.64
C ALA D 191 -2.10 29.34 3.56
N GLU D 192 -0.87 28.98 3.22
CA GLU D 192 0.25 29.03 4.13
C GLU D 192 1.46 29.69 3.49
N LYS D 193 1.26 30.84 2.86
CA LYS D 193 2.41 31.57 2.35
C LYS D 193 3.02 32.46 3.42
N GLY D 194 2.19 33.15 4.20
CA GLY D 194 2.70 34.08 5.18
C GLY D 194 3.05 33.47 6.52
N GLU D 195 2.18 32.59 7.02
CA GLU D 195 2.25 32.12 8.39
C GLU D 195 3.15 30.91 8.57
N ASN D 196 4.01 30.62 7.60
CA ASN D 196 4.81 29.40 7.66
C ASN D 196 6.06 29.56 6.80
N ASP D 197 7.22 29.35 7.40
CA ASP D 197 8.47 29.39 6.65
C ASP D 197 8.73 28.11 5.89
N HIS D 198 7.92 27.07 6.12
CA HIS D 198 8.03 25.86 5.32
C HIS D 198 7.66 26.14 3.87
N PHE D 199 6.53 26.80 3.66
CA PHE D 199 5.98 27.01 2.33
C PHE D 199 6.33 28.43 1.91
N ASP D 200 7.57 28.60 1.43
CA ASP D 200 8.04 29.92 1.05
C ASP D 200 7.77 30.23 -0.41
N THR D 201 8.00 29.27 -1.31
CA THR D 201 7.74 29.45 -2.72
C THR D 201 6.76 28.38 -3.18
N TYR D 202 6.45 28.39 -4.48
CA TYR D 202 5.59 27.33 -5.01
C TYR D 202 6.30 25.99 -5.00
N ALA D 203 7.59 25.99 -5.31
CA ALA D 203 8.32 24.73 -5.42
C ALA D 203 8.40 24.01 -4.08
N ASP D 204 8.34 24.75 -2.97
CA ASP D 204 8.29 24.09 -1.68
C ASP D 204 6.93 23.45 -1.43
N ALA D 205 5.86 24.05 -1.97
CA ALA D 205 4.57 23.41 -1.85
C ALA D 205 4.49 22.16 -2.71
N LEU D 206 5.15 22.18 -3.88
CA LEU D 206 5.15 21.00 -4.73
C LEU D 206 5.97 19.87 -4.11
N TRP D 207 7.06 20.20 -3.41
CA TRP D 207 7.82 19.16 -2.75
C TRP D 207 7.07 18.60 -1.55
N TRP D 208 6.30 19.45 -0.85
CA TRP D 208 5.49 18.94 0.24
C TRP D 208 4.41 18.00 -0.28
N GLY D 209 3.79 18.36 -1.40
CA GLY D 209 2.71 17.53 -1.91
C GLY D 209 3.22 16.20 -2.44
N LEU D 210 4.39 16.20 -3.07
CA LEU D 210 4.93 14.96 -3.61
C LEU D 210 5.34 14.02 -2.49
N ILE D 211 5.88 14.55 -1.40
CA ILE D 211 6.30 13.70 -0.29
C ILE D 211 5.10 13.23 0.54
N THR D 212 4.02 14.00 0.60
CA THR D 212 2.85 13.56 1.34
C THR D 212 2.01 12.56 0.57
N LEU D 213 1.80 12.80 -0.72
CA LEU D 213 0.84 11.98 -1.47
C LEU D 213 1.39 10.61 -1.81
N THR D 214 2.70 10.41 -1.71
CA THR D 214 3.27 9.08 -1.75
C THR D 214 3.34 8.45 -0.38
N THR D 215 2.78 9.12 0.64
CA THR D 215 2.82 8.70 2.03
C THR D 215 4.23 8.43 2.53
N ILE D 216 5.21 9.18 2.04
CA ILE D 216 6.52 9.16 2.66
C ILE D 216 6.48 9.93 3.97
N GLY D 217 6.21 11.22 3.90
CA GLY D 217 6.08 12.02 5.10
C GLY D 217 7.40 12.15 5.83
N TYR D 218 8.33 12.90 5.24
CA TYR D 218 9.61 13.12 5.89
C TYR D 218 9.43 13.91 7.18
N GLY D 219 8.59 14.93 7.13
CA GLY D 219 8.28 15.76 8.26
C GLY D 219 8.95 17.11 8.23
N ASP D 220 9.75 17.40 7.21
CA ASP D 220 10.42 18.69 7.15
C ASP D 220 9.45 19.80 6.80
N LYS D 221 8.42 19.50 6.01
CA LYS D 221 7.36 20.46 5.72
C LYS D 221 6.01 19.83 6.07
N TYR D 222 5.25 20.51 6.90
CA TYR D 222 3.89 20.12 7.25
C TYR D 222 3.08 21.39 7.46
N PRO D 223 1.81 21.38 7.10
CA PRO D 223 1.01 22.60 7.28
C PRO D 223 0.67 22.85 8.74
N GLN D 224 0.80 24.11 9.14
CA GLN D 224 0.70 24.47 10.56
C GLN D 224 -0.41 25.46 10.86
N THR D 225 -1.19 25.87 9.86
CA THR D 225 -2.34 26.72 10.08
C THR D 225 -3.58 25.85 10.18
N TRP D 226 -4.75 26.49 10.29
CA TRP D 226 -5.98 25.74 10.18
C TRP D 226 -6.43 25.61 8.73
N ASN D 227 -6.07 26.60 7.90
CA ASN D 227 -6.43 26.55 6.49
C ASN D 227 -5.71 25.42 5.78
N GLY D 228 -4.41 25.30 6.01
CA GLY D 228 -3.65 24.25 5.36
C GLY D 228 -4.04 22.87 5.81
N ARG D 229 -4.41 22.73 7.09
CA ARG D 229 -4.81 21.42 7.59
C ARG D 229 -6.20 21.06 7.11
N LEU D 230 -7.08 22.05 6.92
CA LEU D 230 -8.41 21.75 6.42
C LEU D 230 -8.37 21.35 4.95
N LEU D 231 -7.52 22.00 4.16
CA LEU D 231 -7.41 21.64 2.75
C LEU D 231 -6.65 20.33 2.56
N ALA D 232 -5.58 20.13 3.32
CA ALA D 232 -4.80 18.92 3.15
C ALA D 232 -5.53 17.69 3.70
N ALA D 233 -6.52 17.89 4.57
CA ALA D 233 -7.26 16.73 5.07
C ALA D 233 -8.09 16.09 3.97
N THR D 234 -8.73 16.90 3.13
CA THR D 234 -9.49 16.35 2.02
C THR D 234 -8.56 15.76 0.97
N PHE D 235 -7.55 16.53 0.57
CA PHE D 235 -6.76 16.10 -0.57
C PHE D 235 -5.83 14.95 -0.23
N THR D 236 -5.54 14.70 1.04
CA THR D 236 -4.72 13.54 1.35
C THR D 236 -5.51 12.26 1.18
N LEU D 237 -6.80 12.28 1.49
CA LEU D 237 -7.61 11.07 1.40
C LEU D 237 -7.85 10.70 -0.05
N ILE D 238 -7.96 11.70 -0.93
CA ILE D 238 -8.13 11.41 -2.34
C ILE D 238 -6.80 11.05 -2.98
N GLY D 239 -5.75 11.80 -2.66
CA GLY D 239 -4.53 11.70 -3.43
C GLY D 239 -3.71 10.48 -3.13
N VAL D 240 -3.70 10.02 -1.88
CA VAL D 240 -2.86 8.87 -1.59
C VAL D 240 -3.45 7.62 -2.19
N SER D 241 -4.77 7.62 -2.44
CA SER D 241 -5.38 6.52 -3.17
C SER D 241 -4.95 6.54 -4.63
N PHE D 242 -4.92 7.73 -5.24
CA PHE D 242 -4.52 7.80 -6.63
C PHE D 242 -3.05 7.49 -6.83
N PHE D 243 -2.23 7.62 -5.79
CA PHE D 243 -0.82 7.28 -5.93
C PHE D 243 -0.52 5.84 -5.54
N ALA D 244 -1.36 5.23 -4.72
CA ALA D 244 -1.23 3.81 -4.42
C ALA D 244 -1.93 2.93 -5.45
N LEU D 245 -2.56 3.53 -6.46
CA LEU D 245 -3.26 2.73 -7.47
C LEU D 245 -2.31 1.87 -8.32
N PRO D 246 -1.30 2.41 -8.98
CA PRO D 246 -0.59 1.58 -9.97
C PRO D 246 0.20 0.42 -9.38
N ALA D 247 0.49 0.43 -8.09
CA ALA D 247 1.04 -0.78 -7.48
C ALA D 247 -0.04 -1.83 -7.32
N GLY D 248 -1.28 -1.42 -7.09
CA GLY D 248 -2.36 -2.38 -7.01
C GLY D 248 -2.76 -2.91 -8.38
N ILE D 249 -2.72 -2.05 -9.39
CA ILE D 249 -3.08 -2.46 -10.73
C ILE D 249 -2.07 -3.45 -11.28
N LEU D 250 -0.78 -3.16 -11.13
CA LEU D 250 0.21 -4.11 -11.63
C LEU D 250 0.30 -5.34 -10.74
N GLY D 251 -0.05 -5.23 -9.46
CA GLY D 251 -0.01 -6.40 -8.61
C GLY D 251 -1.09 -7.40 -8.98
N SER D 252 -2.31 -6.92 -9.22
CA SER D 252 -3.35 -7.84 -9.65
C SER D 252 -3.18 -8.25 -11.09
N GLY D 253 -2.48 -7.46 -11.91
CA GLY D 253 -2.16 -7.91 -13.25
C GLY D 253 -1.22 -9.09 -13.25
N PHE D 254 -0.20 -9.05 -12.38
CA PHE D 254 0.72 -10.18 -12.27
C PHE D 254 0.01 -11.42 -11.74
N ALA D 255 -0.90 -11.25 -10.78
CA ALA D 255 -1.53 -12.42 -10.19
C ALA D 255 -2.54 -13.05 -11.15
N LEU D 256 -3.27 -12.23 -11.91
CA LEU D 256 -4.21 -12.78 -12.88
C LEU D 256 -3.47 -13.47 -14.02
N LYS D 257 -2.33 -12.92 -14.44
CA LYS D 257 -1.56 -13.53 -15.50
C LYS D 257 -1.01 -14.88 -15.08
N VAL D 258 -0.55 -15.00 -13.83
CA VAL D 258 0.05 -16.27 -13.44
C VAL D 258 -1.03 -17.30 -13.13
N GLN D 259 -2.25 -16.85 -12.84
CA GLN D 259 -3.31 -17.81 -12.60
C GLN D 259 -3.77 -18.43 -13.91
N GLU D 260 -3.88 -17.62 -14.97
CA GLU D 260 -4.29 -18.18 -16.25
C GLU D 260 -3.19 -19.03 -16.85
N GLN D 261 -1.93 -18.72 -16.55
CA GLN D 261 -0.87 -19.61 -17.03
C GLN D 261 -0.88 -20.94 -16.30
N HIS D 262 -1.34 -20.96 -15.04
CA HIS D 262 -1.47 -22.24 -14.36
C HIS D 262 -2.59 -23.07 -14.96
N ARG D 263 -3.70 -22.43 -15.34
CA ARG D 263 -4.78 -23.18 -15.96
C ARG D 263 -4.42 -23.63 -17.37
N GLN D 264 -3.69 -22.81 -18.12
CA GLN D 264 -3.24 -23.19 -19.45
C GLN D 264 -2.01 -24.07 -19.43
N LYS D 265 -1.48 -24.39 -18.25
CA LYS D 265 -0.57 -25.51 -18.09
C LYS D 265 -1.27 -26.79 -17.66
N HIS D 266 -2.34 -26.68 -16.88
CA HIS D 266 -3.06 -27.88 -16.46
C HIS D 266 -3.90 -28.50 -17.57
N PHE D 267 -4.14 -27.78 -18.67
CA PHE D 267 -4.66 -28.42 -19.86
C PHE D 267 -3.55 -29.13 -20.63
N GLU D 268 -2.57 -28.38 -21.11
CA GLU D 268 -1.45 -28.96 -21.84
C GLU D 268 -0.29 -29.26 -20.90
#